data_7S13
#
_entry.id   7S13
#
_cell.length_a   52.030
_cell.length_b   131.250
_cell.length_c   186.870
_cell.angle_alpha   90.000
_cell.angle_beta   90.000
_cell.angle_gamma   90.000
#
_symmetry.space_group_name_H-M   'P 21 21 21'
#
loop_
_entity.id
_entity.type
_entity.pdbx_description
1 polymer 'Fab heavy chain'
2 polymer 'Fab light chain'
3 polymer 'T-cell surface protein tactile'
4 non-polymer 1,2-ETHANEDIOL
5 non-polymer 'CITRATE ANION'
6 non-polymer 2-acetamido-2-deoxy-beta-D-glucopyranose
7 water water
#
loop_
_entity_poly.entity_id
_entity_poly.type
_entity_poly.pdbx_seq_one_letter_code
_entity_poly.pdbx_strand_id
1 'polypeptide(L)'
;(PCA)VQLKESGPGLVQPSQTLSLTCTVSGLSLTNNIVSWIRQPPGKGLEWMGVIWSNGGTDYNSAIKSRLSITRDTSKS
QVFLKMNSLQTEDTAMYFCASRDYPGFAYWGQGTLVTVSSAKTTPPSVYPLAPGSAAQTNSMVTLGCLVKGYFPEPVTVT
WNSGSLSSGVHTFPAVLQSDLYTLSSSVTVPSSTWPSETVTCNVAHPASSTKVDKKIVPRDCGGHHHHHH
;
H,I
2 'polypeptide(L)'
;YELIQPPSSSVTLGSTVSLTCVGDELPKRYAYWYQQKPDQSIVRVIYEDSKRPSGISDRFSGSSSGTTATLTIRDAQAED
EADYYCLSTYSDDKLPIFGGGTKLTVLGQPKSSPSVTLFPPSSEELETNKATLVCTITDFYPGVVTVDWKVDGTPVTQGM
ETTQPSKQSNNKYMASSYLTLTARAWERHSSYSCQVTHEGHTVEKSLSRADCS
;
L,M
3 'polypeptide(L)'
;GVWEELFNVGDDVYALPGSDINLTCQTKEKNFLVQMQWSKVTDKNDMIALYHPQYGLYCGQEHACESQVAATETEKGVTN
WTLYLRNISSALGGKYECIFTLYPEGIKTTVYNLIVEPGHHHHHH
;
C,D
#
# COMPACT_ATOMS: atom_id res chain seq x y z
N VAL A 2 16.26 -23.06 -6.18
CA VAL A 2 16.11 -21.74 -6.76
C VAL A 2 17.46 -21.22 -7.18
N GLN A 3 17.49 -20.47 -8.27
CA GLN A 3 18.69 -19.79 -8.71
C GLN A 3 18.32 -18.41 -9.24
N LEU A 4 19.07 -17.41 -8.82
CA LEU A 4 18.95 -16.07 -9.36
C LEU A 4 20.24 -15.80 -10.15
N LYS A 5 20.12 -15.45 -11.43
CA LYS A 5 21.29 -15.19 -12.25
C LYS A 5 21.18 -13.81 -12.87
N GLU A 6 22.12 -12.94 -12.51
CA GLU A 6 22.23 -11.63 -13.11
C GLU A 6 23.06 -11.72 -14.37
N SER A 7 22.62 -11.02 -15.39
CA SER A 7 23.33 -10.91 -16.65
C SER A 7 23.36 -9.43 -17.05
N GLY A 8 24.37 -9.06 -17.83
CA GLY A 8 24.53 -7.69 -18.23
C GLY A 8 25.72 -7.46 -19.13
N PRO A 9 25.89 -6.21 -19.59
CA PRO A 9 26.90 -5.91 -20.61
C PRO A 9 28.34 -5.94 -20.10
N GLY A 10 28.58 -5.94 -18.80
CA GLY A 10 29.94 -5.90 -18.34
C GLY A 10 30.65 -4.57 -18.46
N LEU A 11 30.49 -3.87 -19.59
CA LEU A 11 31.13 -2.57 -19.81
C LEU A 11 30.14 -1.59 -20.40
N VAL A 12 30.00 -0.44 -19.77
CA VAL A 12 29.08 0.58 -20.24
C VAL A 12 29.77 1.94 -20.19
N GLN A 13 29.46 2.80 -21.18
CA GLN A 13 30.11 4.10 -21.29
C GLN A 13 29.43 5.16 -20.43
N PRO A 14 30.19 6.11 -19.91
CA PRO A 14 29.58 7.19 -19.14
C PRO A 14 28.49 7.88 -19.95
N SER A 15 27.41 8.23 -19.27
CA SER A 15 26.20 8.84 -19.81
C SER A 15 25.39 7.91 -20.68
N GLN A 16 25.73 6.62 -20.73
CA GLN A 16 24.84 5.68 -21.36
C GLN A 16 23.93 5.14 -20.26
N THR A 17 23.10 4.16 -20.58
CA THR A 17 22.24 3.58 -19.58
C THR A 17 22.58 2.10 -19.45
N LEU A 18 22.41 1.58 -18.24
CA LEU A 18 22.83 0.24 -17.90
C LEU A 18 21.61 -0.66 -17.74
N SER A 19 21.54 -1.72 -18.56
CA SER A 19 20.42 -2.67 -18.54
C SER A 19 20.91 -3.99 -18.01
N LEU A 20 20.44 -4.36 -16.82
CA LEU A 20 20.71 -5.65 -16.22
C LEU A 20 19.42 -6.47 -16.16
N THR A 21 19.60 -7.79 -16.18
CA THR A 21 18.49 -8.72 -16.14
C THR A 21 18.72 -9.76 -15.06
N CYS A 22 17.71 -9.98 -14.22
CA CYS A 22 17.74 -11.02 -13.20
C CYS A 22 16.81 -12.12 -13.67
N THR A 23 17.33 -13.32 -13.81
CA THR A 23 16.53 -14.46 -14.26
C THR A 23 16.28 -15.34 -13.05
N VAL A 24 15.00 -15.55 -12.71
CA VAL A 24 14.60 -16.25 -11.50
C VAL A 24 14.14 -17.64 -11.87
N SER A 25 14.62 -18.65 -11.15
CA SER A 25 14.14 -20.01 -11.34
C SER A 25 13.86 -20.63 -9.99
N GLY A 26 12.82 -21.45 -9.92
CA GLY A 26 12.50 -22.10 -8.68
C GLY A 26 11.75 -21.24 -7.71
N LEU A 27 11.42 -20.01 -8.09
CA LEU A 27 10.58 -19.08 -7.33
C LEU A 27 9.52 -18.59 -8.27
N SER A 28 8.31 -18.37 -7.78
CA SER A 28 7.25 -17.81 -8.61
C SER A 28 7.35 -16.30 -8.55
N LEU A 29 7.76 -15.69 -9.65
CA LEU A 29 7.99 -14.25 -9.64
C LEU A 29 6.74 -13.48 -9.24
N THR A 30 5.55 -14.01 -9.55
CA THR A 30 4.35 -13.27 -9.17
C THR A 30 4.09 -13.34 -7.67
N ASN A 31 4.74 -14.25 -6.94
CA ASN A 31 4.54 -14.32 -5.50
C ASN A 31 5.72 -13.77 -4.73
N ASN A 32 6.69 -13.16 -5.41
CA ASN A 32 7.91 -12.81 -4.72
C ASN A 32 8.35 -11.43 -5.11
N ILE A 33 9.29 -10.90 -4.35
CA ILE A 33 9.92 -9.64 -4.63
C ILE A 33 11.30 -9.93 -5.19
N VAL A 34 11.89 -8.92 -5.82
CA VAL A 34 13.28 -8.99 -6.27
C VAL A 34 13.91 -7.63 -5.99
N SER A 35 14.98 -7.60 -5.18
CA SER A 35 15.75 -6.40 -4.91
C SER A 35 17.03 -6.37 -5.74
N TRP A 36 17.50 -5.17 -6.02
CA TRP A 36 18.80 -4.95 -6.64
C TRP A 36 19.71 -4.30 -5.63
N ILE A 37 20.88 -4.90 -5.44
CA ILE A 37 21.88 -4.51 -4.45
C ILE A 37 23.20 -4.33 -5.18
N ARG A 38 23.94 -3.26 -4.84
CA ARG A 38 25.22 -3.02 -5.50
C ARG A 38 26.32 -2.88 -4.48
N GLN A 39 27.55 -3.19 -4.94
CA GLN A 39 28.75 -3.18 -4.11
C GLN A 39 29.88 -2.59 -4.94
N PRO A 40 30.21 -1.31 -4.77
CA PRO A 40 31.40 -0.79 -5.42
C PRO A 40 32.64 -1.55 -4.95
N PRO A 41 33.69 -1.59 -5.77
CA PRO A 41 34.86 -2.41 -5.41
C PRO A 41 35.43 -1.95 -4.07
N GLY A 42 35.66 -2.93 -3.20
CA GLY A 42 36.14 -2.62 -1.87
C GLY A 42 35.15 -1.98 -0.93
N LYS A 43 33.89 -1.81 -1.34
CA LYS A 43 32.90 -1.12 -0.51
C LYS A 43 31.89 -2.12 0.01
N GLY A 44 30.86 -1.62 0.71
CA GLY A 44 29.83 -2.46 1.29
C GLY A 44 28.60 -2.52 0.41
N LEU A 45 27.66 -3.37 0.81
CA LEU A 45 26.45 -3.58 0.04
C LEU A 45 25.50 -2.38 0.23
N GLU A 46 24.91 -1.92 -0.86
CA GLU A 46 23.97 -0.80 -0.82
C GLU A 46 22.70 -1.22 -1.56
N TRP A 47 21.56 -1.23 -0.88
CA TRP A 47 20.30 -1.60 -1.51
C TRP A 47 19.85 -0.51 -2.47
N MET A 48 19.39 -0.91 -3.66
CA MET A 48 19.04 0.04 -4.70
C MET A 48 17.54 0.22 -4.91
N GLY A 49 16.77 -0.87 -4.87
CA GLY A 49 15.35 -0.78 -5.19
C GLY A 49 14.72 -2.16 -5.21
N VAL A 50 13.38 -2.18 -5.21
CA VAL A 50 12.58 -3.39 -5.14
C VAL A 50 11.42 -3.30 -6.07
N ILE A 51 11.08 -4.41 -6.72
CA ILE A 51 9.79 -4.57 -7.36
C ILE A 51 9.00 -5.56 -6.51
N TRP A 52 7.86 -5.10 -5.99
CA TRP A 52 7.11 -5.89 -5.05
C TRP A 52 6.35 -7.00 -5.77
N SER A 53 5.80 -7.93 -5.00
CA SER A 53 5.11 -9.07 -5.60
C SER A 53 3.97 -8.64 -6.50
N ASN A 54 3.49 -7.39 -6.35
CA ASN A 54 2.37 -6.90 -7.13
C ASN A 54 2.79 -5.96 -8.25
N GLY A 55 4.07 -5.88 -8.59
CA GLY A 55 4.48 -5.09 -9.73
C GLY A 55 4.82 -3.65 -9.42
N GLY A 56 4.50 -3.16 -8.21
CA GLY A 56 4.94 -1.84 -7.80
C GLY A 56 6.43 -1.81 -7.53
N THR A 57 6.96 -0.61 -7.28
CA THR A 57 8.39 -0.46 -7.10
C THR A 57 8.66 0.58 -6.02
N ASP A 58 9.83 0.46 -5.39
CA ASP A 58 10.39 1.50 -4.54
C ASP A 58 11.89 1.54 -4.74
N TYR A 59 12.48 2.71 -4.52
CA TYR A 59 13.88 2.87 -4.83
C TYR A 59 14.59 3.59 -3.69
N ASN A 60 15.90 3.40 -3.65
CA ASN A 60 16.72 4.18 -2.74
C ASN A 60 16.65 5.64 -3.18
N SER A 61 16.31 6.53 -2.25
CA SER A 61 16.03 7.91 -2.61
C SER A 61 17.25 8.62 -3.17
N ALA A 62 18.44 8.08 -2.97
CA ALA A 62 19.63 8.73 -3.49
C ALA A 62 19.94 8.32 -4.91
N ILE A 63 19.16 7.44 -5.54
CA ILE A 63 19.42 7.09 -6.92
C ILE A 63 18.11 6.97 -7.68
N LYS A 64 17.00 7.07 -6.95
CA LYS A 64 15.66 7.03 -7.53
C LYS A 64 15.54 7.79 -8.85
N SER A 65 16.18 8.94 -9.01
CA SER A 65 15.89 9.72 -10.21
C SER A 65 16.38 9.03 -11.48
N ARG A 66 17.39 8.16 -11.38
CA ARG A 66 17.99 7.51 -12.55
C ARG A 66 17.65 6.03 -12.66
N LEU A 67 16.90 5.49 -11.71
CA LEU A 67 16.66 4.07 -11.54
C LEU A 67 15.29 3.67 -12.05
N SER A 68 15.20 2.45 -12.59
CA SER A 68 13.92 1.91 -13.04
C SER A 68 13.92 0.39 -13.02
N ILE A 69 13.01 -0.21 -12.25
CA ILE A 69 12.90 -1.67 -12.17
C ILE A 69 11.57 -2.11 -12.76
N THR A 70 11.60 -3.13 -13.61
CA THR A 70 10.41 -3.70 -14.21
C THR A 70 10.56 -5.21 -14.25
N ARG A 71 9.52 -5.88 -14.74
CA ARG A 71 9.54 -7.33 -14.76
C ARG A 71 8.66 -7.83 -15.90
N ASP A 72 8.98 -9.02 -16.37
CA ASP A 72 8.14 -9.77 -17.30
C ASP A 72 7.81 -11.07 -16.60
N THR A 73 6.61 -11.18 -16.06
CA THR A 73 6.27 -12.37 -15.26
C THR A 73 6.34 -13.65 -16.10
N SER A 74 5.95 -13.56 -17.38
CA SER A 74 5.90 -14.74 -18.23
C SER A 74 7.29 -15.25 -18.55
N LYS A 75 8.23 -14.35 -18.81
CA LYS A 75 9.58 -14.80 -19.02
C LYS A 75 10.30 -15.07 -17.71
N SER A 76 9.72 -14.65 -16.58
CA SER A 76 10.28 -14.89 -15.25
C SER A 76 11.58 -14.10 -15.04
N GLN A 77 11.59 -12.86 -15.52
CA GLN A 77 12.77 -12.02 -15.46
C GLN A 77 12.41 -10.66 -14.87
N VAL A 78 13.39 -10.07 -14.22
CA VAL A 78 13.30 -8.72 -13.65
C VAL A 78 14.43 -7.91 -14.24
N PHE A 79 14.14 -6.66 -14.59
CA PHE A 79 15.05 -5.81 -15.34
C PHE A 79 15.45 -4.60 -14.52
N LEU A 80 16.74 -4.33 -14.40
CA LEU A 80 17.20 -3.07 -13.83
C LEU A 80 17.67 -2.17 -14.97
N LYS A 81 17.15 -0.95 -15.04
CA LYS A 81 17.63 0.05 -15.99
C LYS A 81 17.98 1.32 -15.23
N MET A 82 19.21 1.78 -15.44
CA MET A 82 19.78 2.93 -14.75
C MET A 82 20.43 3.82 -15.79
N ASN A 83 20.02 5.08 -15.84
CA ASN A 83 20.50 5.95 -16.90
C ASN A 83 21.48 7.00 -16.39
N SER A 84 22.19 7.60 -17.35
CA SER A 84 23.14 8.68 -17.07
C SER A 84 24.16 8.24 -16.03
N LEU A 85 25.05 7.36 -16.47
CA LEU A 85 25.99 6.71 -15.59
C LEU A 85 27.26 7.53 -15.46
N GLN A 86 27.79 7.57 -14.25
CA GLN A 86 29.12 8.08 -13.98
C GLN A 86 30.04 6.95 -13.56
N THR A 87 31.32 7.31 -13.43
CA THR A 87 32.35 6.34 -13.10
C THR A 87 32.09 5.65 -11.77
N GLU A 88 31.45 6.36 -10.84
CA GLU A 88 31.20 5.83 -9.50
C GLU A 88 30.18 4.70 -9.50
N ASP A 89 29.49 4.47 -10.62
CA ASP A 89 28.55 3.37 -10.77
C ASP A 89 29.23 2.05 -11.08
N THR A 90 30.54 2.04 -11.18
CA THR A 90 31.27 0.79 -11.37
C THR A 90 31.14 -0.06 -10.12
N ALA A 91 30.47 -1.21 -10.23
CA ALA A 91 30.19 -2.03 -9.05
C ALA A 91 29.81 -3.45 -9.48
N MET A 92 29.77 -4.33 -8.49
CA MET A 92 29.11 -5.62 -8.60
C MET A 92 27.62 -5.44 -8.29
N TYR A 93 26.75 -6.00 -9.13
CA TYR A 93 25.30 -5.83 -9.01
C TYR A 93 24.60 -7.17 -8.72
N PHE A 94 23.89 -7.26 -7.59
CA PHE A 94 23.19 -8.47 -7.19
C PHE A 94 21.68 -8.27 -7.23
N CYS A 95 20.95 -9.33 -7.56
CA CYS A 95 19.52 -9.41 -7.26
C CYS A 95 19.34 -10.47 -6.18
N ALA A 96 18.35 -10.25 -5.30
CA ALA A 96 18.07 -11.13 -4.17
C ALA A 96 16.55 -11.21 -3.98
N SER A 97 16.09 -12.24 -3.28
CA SER A 97 14.64 -12.44 -3.19
C SER A 97 14.24 -13.29 -1.99
N ARG A 98 12.95 -13.15 -1.66
CA ARG A 98 12.11 -13.88 -0.72
C ARG A 98 12.50 -13.62 0.73
N ASP A 99 11.52 -13.71 1.64
CA ASP A 99 11.69 -13.36 3.05
C ASP A 99 12.00 -11.88 3.24
N TYR A 100 11.39 -11.03 2.40
CA TYR A 100 11.53 -9.59 2.57
C TYR A 100 11.31 -9.22 4.04
N PRO A 101 12.18 -8.41 4.65
CA PRO A 101 13.33 -7.75 4.03
C PRO A 101 14.60 -8.56 4.14
N GLY A 102 14.56 -9.71 4.80
CA GLY A 102 15.78 -10.48 4.98
C GLY A 102 16.07 -11.43 3.85
N PHE A 103 16.36 -10.89 2.67
CA PHE A 103 16.49 -11.68 1.42
C PHE A 103 17.19 -12.99 1.66
N ALA A 104 16.54 -14.08 1.26
CA ALA A 104 17.10 -15.39 1.56
C ALA A 104 18.00 -15.92 0.45
N TYR A 105 17.71 -15.59 -0.80
CA TYR A 105 18.45 -16.10 -1.95
C TYR A 105 19.09 -14.96 -2.71
N TRP A 106 20.32 -15.15 -3.15
CA TRP A 106 21.08 -14.13 -3.84
C TRP A 106 21.64 -14.64 -5.16
N GLY A 107 21.75 -13.76 -6.13
CA GLY A 107 22.52 -14.11 -7.30
C GLY A 107 24.00 -14.11 -6.96
N GLN A 108 24.81 -14.56 -7.90
CA GLN A 108 26.26 -14.41 -7.72
C GLN A 108 26.71 -12.98 -7.97
N GLY A 109 26.00 -12.23 -8.83
CA GLY A 109 26.33 -10.87 -9.24
C GLY A 109 27.00 -10.82 -10.60
N THR A 110 26.77 -9.73 -11.34
CA THR A 110 27.59 -9.37 -12.50
C THR A 110 28.33 -8.08 -12.19
N LEU A 111 29.58 -8.03 -12.66
CA LEU A 111 30.38 -6.82 -12.59
C LEU A 111 30.01 -5.89 -13.74
N VAL A 112 29.93 -4.59 -13.43
CA VAL A 112 29.71 -3.56 -14.42
C VAL A 112 30.83 -2.55 -14.23
N THR A 113 31.57 -2.27 -15.30
CA THR A 113 32.63 -1.27 -15.31
C THR A 113 32.14 -0.11 -16.16
N VAL A 114 32.18 1.10 -15.61
CA VAL A 114 31.79 2.28 -16.37
C VAL A 114 33.04 3.01 -16.80
N SER A 115 33.27 3.07 -18.11
CA SER A 115 34.52 3.58 -18.65
C SER A 115 34.31 3.95 -20.10
N SER A 116 35.05 4.95 -20.56
CA SER A 116 35.02 5.31 -21.97
C SER A 116 35.93 4.44 -22.80
N ALA A 117 36.68 3.55 -22.18
CA ALA A 117 37.56 2.68 -22.93
C ALA A 117 36.78 1.58 -23.62
N LYS A 118 37.29 1.15 -24.75
CA LYS A 118 36.70 0.07 -25.52
C LYS A 118 37.23 -1.26 -24.98
N THR A 119 36.44 -2.33 -25.20
CA THR A 119 36.85 -3.66 -24.79
C THR A 119 38.12 -4.09 -25.51
N THR A 120 38.95 -4.87 -24.80
CA THR A 120 40.13 -5.48 -25.40
C THR A 120 40.06 -6.95 -25.04
N PRO A 121 40.03 -7.85 -26.02
CA PRO A 121 39.97 -9.28 -25.70
C PRO A 121 41.33 -9.75 -25.23
N PRO A 122 41.38 -10.84 -24.46
CA PRO A 122 42.66 -11.32 -23.95
C PRO A 122 43.42 -12.07 -25.02
N SER A 123 44.74 -12.08 -24.86
CA SER A 123 45.59 -13.00 -25.57
C SER A 123 45.91 -14.15 -24.61
N VAL A 124 45.69 -15.38 -25.04
CA VAL A 124 45.79 -16.55 -24.17
C VAL A 124 47.00 -17.38 -24.59
N TYR A 125 47.98 -17.48 -23.70
CA TYR A 125 49.22 -18.18 -23.99
C TYR A 125 49.39 -19.35 -23.04
N PRO A 126 49.97 -20.45 -23.51
CA PRO A 126 50.15 -21.64 -22.66
C PRO A 126 51.39 -21.54 -21.80
N LEU A 127 51.27 -22.03 -20.56
CA LEU A 127 52.37 -22.08 -19.60
C LEU A 127 52.77 -23.54 -19.37
N ALA A 128 53.88 -23.95 -20.00
CA ALA A 128 54.43 -25.29 -19.90
C ALA A 128 55.77 -25.27 -19.16
N PRO A 129 56.11 -26.37 -18.45
CA PRO A 129 57.36 -26.43 -17.67
C PRO A 129 58.66 -26.11 -18.43
N GLY A 130 59.76 -25.94 -17.68
CA GLY A 130 61.11 -25.81 -18.22
C GLY A 130 61.94 -27.11 -18.31
N SER A 137 56.36 -37.23 -10.42
CA SER A 137 55.47 -36.83 -9.33
C SER A 137 54.24 -36.07 -9.85
N MET A 138 54.31 -34.74 -9.85
CA MET A 138 53.18 -33.87 -10.19
C MET A 138 53.71 -32.75 -11.04
N VAL A 139 53.09 -32.50 -12.20
CA VAL A 139 53.48 -31.39 -13.07
C VAL A 139 52.38 -30.33 -13.02
N THR A 140 52.76 -29.06 -13.00
CA THR A 140 51.76 -27.99 -12.97
C THR A 140 51.86 -27.16 -14.25
N LEU A 141 50.71 -27.02 -14.92
CA LEU A 141 50.53 -26.33 -16.18
C LEU A 141 49.69 -25.07 -15.98
N GLY A 142 49.68 -24.19 -16.97
CA GLY A 142 48.90 -22.98 -16.77
C GLY A 142 48.52 -22.26 -18.05
N CYS A 143 47.74 -21.20 -17.88
CA CYS A 143 47.25 -20.34 -18.96
C CYS A 143 47.49 -18.88 -18.59
N LEU A 144 48.20 -18.17 -19.45
CA LEU A 144 48.44 -16.74 -19.28
C LEU A 144 47.38 -16.01 -20.08
N VAL A 145 46.58 -15.19 -19.40
CA VAL A 145 45.48 -14.45 -20.01
C VAL A 145 45.88 -12.98 -19.98
N LYS A 146 46.44 -12.45 -21.07
CA LYS A 146 47.16 -11.19 -21.03
C LYS A 146 46.39 -10.06 -21.68
N GLY A 147 46.40 -8.89 -21.03
CA GLY A 147 45.99 -7.66 -21.67
C GLY A 147 44.54 -7.56 -22.07
N TYR A 148 43.61 -7.82 -21.15
CA TYR A 148 42.18 -7.72 -21.46
C TYR A 148 41.51 -6.62 -20.66
N PHE A 149 40.30 -6.24 -21.11
CA PHE A 149 39.49 -5.22 -20.46
C PHE A 149 38.06 -5.30 -20.94
N PRO A 150 37.08 -5.24 -20.03
CA PRO A 150 37.20 -5.11 -18.58
C PRO A 150 37.26 -6.45 -17.86
N GLU A 151 37.30 -6.47 -16.52
CA GLU A 151 37.07 -7.69 -15.77
C GLU A 151 35.62 -8.11 -15.98
N PRO A 152 35.30 -9.40 -15.83
CA PRO A 152 36.15 -10.52 -15.46
C PRO A 152 36.48 -11.39 -16.65
N VAL A 153 37.17 -12.47 -16.35
CA VAL A 153 37.51 -13.50 -17.31
C VAL A 153 37.36 -14.81 -16.56
N THR A 154 36.88 -15.85 -17.22
CA THR A 154 36.80 -17.17 -16.58
C THR A 154 37.63 -18.19 -17.36
N VAL A 155 38.13 -19.16 -16.60
CA VAL A 155 39.08 -20.16 -17.08
C VAL A 155 38.65 -21.49 -16.53
N THR A 156 38.37 -22.46 -17.41
CA THR A 156 38.15 -23.84 -17.01
C THR A 156 39.18 -24.71 -17.71
N TRP A 157 39.24 -25.98 -17.30
CA TRP A 157 40.23 -26.89 -17.84
C TRP A 157 39.56 -28.15 -18.37
N ASN A 158 39.86 -28.50 -19.61
CA ASN A 158 39.20 -29.62 -20.26
C ASN A 158 37.68 -29.49 -20.14
N SER A 159 37.17 -28.30 -20.39
CA SER A 159 35.73 -28.02 -20.38
C SER A 159 35.08 -28.38 -19.05
N GLY A 160 35.83 -28.42 -17.95
CA GLY A 160 35.30 -28.73 -16.65
C GLY A 160 35.65 -30.12 -16.18
N SER A 161 36.07 -30.99 -17.10
CA SER A 161 36.54 -32.32 -16.72
C SER A 161 37.66 -32.27 -15.69
N LEU A 162 38.55 -31.28 -15.80
CA LEU A 162 39.65 -31.11 -14.85
C LEU A 162 39.27 -30.02 -13.86
N SER A 163 38.94 -30.42 -12.62
CA SER A 163 38.54 -29.44 -11.62
C SER A 163 39.33 -29.47 -10.33
N SER A 164 40.12 -30.51 -10.06
CA SER A 164 40.68 -30.66 -8.73
C SER A 164 41.77 -29.64 -8.41
N GLY A 165 42.95 -29.77 -9.01
CA GLY A 165 44.08 -28.97 -8.54
C GLY A 165 44.25 -27.63 -9.26
N VAL A 166 43.19 -26.86 -9.33
CA VAL A 166 43.17 -25.67 -10.18
C VAL A 166 43.33 -24.43 -9.31
N HIS A 167 44.22 -23.54 -9.73
CA HIS A 167 44.39 -22.22 -9.13
C HIS A 167 44.20 -21.17 -10.21
N THR A 168 43.26 -20.28 -10.01
CA THR A 168 43.05 -19.15 -10.88
C THR A 168 43.40 -17.90 -10.09
N PHE A 169 44.39 -17.16 -10.56
CA PHE A 169 44.98 -16.17 -9.69
C PHE A 169 44.26 -14.83 -9.85
N PRO A 170 44.46 -13.91 -8.93
CA PRO A 170 43.84 -12.59 -9.09
C PRO A 170 44.53 -11.81 -10.19
N ALA A 171 43.80 -10.86 -10.76
CA ALA A 171 44.29 -10.15 -11.94
C ALA A 171 45.19 -9.02 -11.52
N VAL A 172 46.11 -8.67 -12.42
CA VAL A 172 47.00 -7.54 -12.27
C VAL A 172 46.63 -6.50 -13.31
N LEU A 173 46.76 -5.21 -12.98
CA LEU A 173 46.36 -4.13 -13.87
C LEU A 173 47.58 -3.35 -14.35
N GLN A 174 48.05 -3.64 -15.57
CA GLN A 174 49.28 -3.10 -16.16
C GLN A 174 48.87 -2.10 -17.24
N SER A 175 48.70 -0.84 -16.85
CA SER A 175 48.47 0.27 -17.78
C SER A 175 47.22 0.05 -18.63
N ASP A 176 46.08 0.15 -17.96
CA ASP A 176 44.73 0.11 -18.51
C ASP A 176 44.29 -1.25 -19.00
N LEU A 177 45.09 -2.30 -18.85
CA LEU A 177 44.73 -3.65 -19.25
C LEU A 177 45.02 -4.62 -18.12
N TYR A 178 44.21 -5.67 -18.02
CA TYR A 178 44.34 -6.70 -16.99
C TYR A 178 45.06 -7.93 -17.51
N THR A 179 45.64 -8.69 -16.57
CA THR A 179 46.36 -9.92 -16.85
C THR A 179 46.17 -10.88 -15.69
N LEU A 180 45.85 -12.13 -15.97
CA LEU A 180 45.85 -13.12 -14.91
C LEU A 180 46.32 -14.45 -15.46
N SER A 181 46.55 -15.37 -14.54
CA SER A 181 46.93 -16.72 -14.88
C SER A 181 46.07 -17.70 -14.13
N SER A 182 45.97 -18.88 -14.70
CA SER A 182 45.34 -20.03 -14.10
C SER A 182 46.32 -21.18 -14.20
N SER A 183 46.42 -21.99 -13.14
CA SER A 183 47.34 -23.12 -13.13
C SER A 183 46.57 -24.36 -12.72
N VAL A 184 47.00 -25.50 -13.24
CA VAL A 184 46.40 -26.78 -12.88
C VAL A 184 47.53 -27.78 -12.66
N THR A 185 47.38 -28.63 -11.66
CA THR A 185 48.39 -29.62 -11.32
C THR A 185 47.84 -31.02 -11.56
N VAL A 186 48.58 -31.82 -12.33
CA VAL A 186 48.18 -33.18 -12.72
C VAL A 186 49.38 -34.10 -12.62
N PRO A 187 49.12 -35.42 -12.58
CA PRO A 187 50.23 -36.39 -12.51
C PRO A 187 51.10 -36.41 -13.76
N SER A 188 52.41 -36.52 -13.54
CA SER A 188 53.36 -36.55 -14.66
C SER A 188 53.07 -37.71 -15.62
N SER A 189 52.49 -38.81 -15.12
CA SER A 189 52.14 -39.91 -16.02
C SER A 189 51.06 -39.48 -17.01
N THR A 190 50.18 -38.56 -16.61
CA THR A 190 49.01 -38.20 -17.38
C THR A 190 49.31 -37.20 -18.49
N TRP A 191 50.41 -36.44 -18.38
CA TRP A 191 50.69 -35.44 -19.38
C TRP A 191 52.07 -35.65 -19.98
N PRO A 192 52.20 -35.57 -21.30
CA PRO A 192 51.29 -35.17 -22.39
C PRO A 192 50.33 -36.24 -22.93
N SER A 193 50.29 -37.44 -22.34
CA SER A 193 49.49 -38.50 -22.94
C SER A 193 48.01 -38.13 -22.98
N GLU A 194 47.51 -37.51 -21.91
CA GLU A 194 46.13 -37.04 -21.85
C GLU A 194 46.15 -35.54 -22.11
N THR A 195 45.41 -35.09 -23.13
CA THR A 195 45.38 -33.68 -23.48
C THR A 195 44.96 -32.82 -22.31
N VAL A 196 45.61 -31.67 -22.16
CA VAL A 196 45.20 -30.68 -21.16
C VAL A 196 44.98 -29.33 -21.85
N THR A 197 43.73 -28.87 -21.89
CA THR A 197 43.34 -27.66 -22.58
C THR A 197 42.71 -26.69 -21.60
N CYS A 198 43.06 -25.42 -21.70
CA CYS A 198 42.40 -24.44 -20.87
C CYS A 198 41.41 -23.66 -21.73
N ASN A 199 40.25 -23.33 -21.14
CA ASN A 199 39.16 -22.66 -21.86
C ASN A 199 38.94 -21.28 -21.23
N VAL A 200 39.23 -20.23 -21.99
CA VAL A 200 39.16 -18.87 -21.48
C VAL A 200 37.96 -18.18 -22.11
N ALA A 201 37.17 -17.51 -21.29
CA ALA A 201 36.01 -16.73 -21.71
C ALA A 201 36.14 -15.30 -21.23
N HIS A 202 35.98 -14.34 -22.15
CA HIS A 202 35.89 -12.91 -21.83
C HIS A 202 34.55 -12.37 -22.32
N PRO A 203 33.50 -12.46 -21.50
CA PRO A 203 32.14 -12.11 -21.97
C PRO A 203 32.03 -10.76 -22.63
N ALA A 204 32.57 -9.72 -22.00
CA ALA A 204 32.36 -8.36 -22.50
C ALA A 204 32.79 -8.22 -23.96
N SER A 205 33.75 -9.01 -24.39
CA SER A 205 34.17 -8.96 -25.78
C SER A 205 33.66 -10.16 -26.55
N SER A 206 32.88 -11.02 -25.89
CA SER A 206 32.34 -12.22 -26.51
C SER A 206 33.43 -13.11 -27.10
N THR A 207 34.56 -13.24 -26.41
CA THR A 207 35.61 -14.14 -26.87
C THR A 207 35.62 -15.41 -26.03
N LYS A 208 35.79 -16.55 -26.69
CA LYS A 208 35.98 -17.85 -26.06
C LYS A 208 37.18 -18.48 -26.76
N VAL A 209 38.19 -18.87 -25.99
CA VAL A 209 39.42 -19.44 -26.54
C VAL A 209 39.77 -20.71 -25.79
N ASP A 210 40.24 -21.70 -26.53
CA ASP A 210 40.84 -22.90 -25.97
C ASP A 210 42.30 -22.92 -26.41
N LYS A 211 43.18 -23.25 -25.47
CA LYS A 211 44.62 -23.34 -25.73
C LYS A 211 45.14 -24.66 -25.17
N LYS A 212 45.69 -25.50 -26.04
CA LYS A 212 46.24 -26.79 -25.61
C LYS A 212 47.67 -26.60 -25.14
N ILE A 213 47.99 -27.19 -24.00
CA ILE A 213 49.31 -27.04 -23.38
C ILE A 213 50.20 -28.16 -23.92
N VAL A 214 51.27 -27.81 -24.62
CA VAL A 214 52.19 -28.82 -25.17
C VAL A 214 53.60 -28.55 -24.67
N PRO A 215 54.44 -29.58 -24.51
CA PRO A 215 55.81 -29.37 -24.02
C PRO A 215 56.72 -28.69 -25.03
N GLU B 2 23.31 5.18 9.84
CA GLU B 2 21.97 4.62 9.89
C GLU B 2 21.99 3.28 10.59
N LEU B 3 22.78 2.35 10.05
CA LEU B 3 23.07 1.09 10.71
C LEU B 3 24.56 1.02 11.00
N ILE B 4 24.95 0.97 12.27
CA ILE B 4 26.34 1.23 12.63
C ILE B 4 27.03 -0.09 12.95
N GLN B 5 28.10 -0.39 12.20
CA GLN B 5 28.94 -1.55 12.44
C GLN B 5 30.40 -1.15 12.49
N PRO B 6 31.18 -1.74 13.38
CA PRO B 6 32.62 -1.47 13.40
C PRO B 6 33.25 -2.03 12.15
N PRO B 7 34.13 -1.27 11.48
CA PRO B 7 34.64 -1.72 10.17
C PRO B 7 35.50 -2.97 10.22
N SER B 8 36.04 -3.37 11.38
CA SER B 8 36.84 -4.59 11.45
C SER B 8 36.87 -5.13 12.90
N SER B 9 37.25 -6.41 13.02
CA SER B 9 37.30 -7.09 14.31
C SER B 9 38.16 -8.34 14.17
N SER B 10 38.71 -8.80 15.30
CA SER B 10 39.58 -9.98 15.34
C SER B 10 39.07 -10.98 16.37
N VAL B 11 39.32 -12.25 16.07
CA VAL B 11 39.21 -13.35 17.02
C VAL B 11 40.38 -14.28 16.73
N THR B 12 40.82 -15.03 17.73
CA THR B 12 41.80 -16.09 17.55
C THR B 12 41.09 -17.43 17.56
N LEU B 13 41.65 -18.40 16.82
CA LEU B 13 41.00 -19.70 16.63
C LEU B 13 40.48 -20.31 17.92
N GLY B 14 39.23 -20.73 17.88
CA GLY B 14 38.63 -21.43 19.00
C GLY B 14 37.93 -20.56 20.00
N SER B 15 38.10 -19.24 19.91
CA SER B 15 37.47 -18.33 20.85
C SER B 15 36.18 -17.78 20.23
N THR B 16 35.55 -16.84 20.92
CA THR B 16 34.26 -16.31 20.54
C THR B 16 34.36 -14.82 20.24
N VAL B 17 33.70 -14.38 19.16
CA VAL B 17 33.51 -12.97 18.88
C VAL B 17 32.03 -12.67 18.91
N SER B 18 31.71 -11.44 19.31
CA SER B 18 30.40 -10.87 19.06
C SER B 18 30.61 -9.62 18.23
N LEU B 19 29.88 -9.55 17.13
CA LEU B 19 29.91 -8.41 16.23
C LEU B 19 28.61 -7.67 16.44
N THR B 20 28.69 -6.34 16.45
CA THR B 20 27.51 -5.55 16.74
C THR B 20 27.05 -4.77 15.53
N CYS B 21 25.79 -4.35 15.63
CA CYS B 21 25.09 -3.55 14.64
C CYS B 21 24.10 -2.72 15.42
N VAL B 22 24.19 -1.40 15.30
CA VAL B 22 23.45 -0.48 16.15
C VAL B 22 22.65 0.46 15.27
N GLY B 23 21.35 0.55 15.50
CA GLY B 23 20.51 1.44 14.72
C GLY B 23 19.33 1.91 15.55
N ASP B 24 18.75 3.03 15.13
CA ASP B 24 17.71 3.66 15.93
C ASP B 24 16.46 2.78 16.00
N GLU B 25 16.09 2.18 14.86
CA GLU B 25 14.82 1.48 14.76
C GLU B 25 14.92 0.00 15.09
N LEU B 26 16.10 -0.51 15.42
CA LEU B 26 16.24 -1.93 15.74
C LEU B 26 15.42 -2.41 16.94
N PRO B 27 15.02 -1.57 17.90
CA PRO B 27 14.04 -2.04 18.89
C PRO B 27 12.70 -2.38 18.26
N LYS B 28 12.40 -1.87 17.06
CA LYS B 28 11.13 -2.09 16.36
C LYS B 28 11.27 -2.92 15.10
N ARG B 29 12.49 -3.23 14.67
CA ARG B 29 12.74 -3.95 13.44
C ARG B 29 13.70 -5.11 13.66
N TYR B 30 13.42 -6.23 13.01
CA TYR B 30 14.36 -7.35 13.07
C TYR B 30 15.63 -7.03 12.30
N ALA B 31 16.72 -7.72 12.68
CA ALA B 31 18.00 -7.66 12.00
C ALA B 31 18.29 -9.00 11.36
N TYR B 32 18.94 -8.95 10.20
CA TYR B 32 19.40 -10.13 9.47
C TYR B 32 20.89 -10.00 9.26
N TRP B 33 21.61 -11.11 9.23
CA TRP B 33 23.07 -11.08 9.13
C TRP B 33 23.55 -11.88 7.93
N TYR B 34 24.45 -11.30 7.16
CA TYR B 34 24.96 -11.95 5.95
C TYR B 34 26.46 -12.11 6.06
N GLN B 35 26.96 -13.26 5.60
CA GLN B 35 28.39 -13.49 5.50
C GLN B 35 28.82 -13.43 4.04
N GLN B 36 29.82 -12.60 3.72
CA GLN B 36 30.31 -12.50 2.36
C GLN B 36 31.76 -12.94 2.31
N LYS B 37 32.04 -13.94 1.50
CA LYS B 37 33.37 -14.53 1.39
C LYS B 37 34.17 -13.81 0.32
N PRO B 38 35.48 -14.06 0.27
CA PRO B 38 36.31 -13.32 -0.71
C PRO B 38 35.81 -13.42 -2.15
N ASP B 39 35.34 -14.58 -2.60
CA ASP B 39 34.75 -14.69 -3.94
C ASP B 39 33.46 -13.89 -4.10
N GLN B 40 33.06 -13.18 -3.05
CA GLN B 40 31.93 -12.26 -2.99
C GLN B 40 30.56 -12.92 -2.96
N SER B 41 30.45 -14.24 -2.72
CA SER B 41 29.14 -14.85 -2.55
C SER B 41 28.57 -14.51 -1.17
N ILE B 42 27.24 -14.50 -1.06
CA ILE B 42 26.55 -13.97 0.12
C ILE B 42 25.63 -15.04 0.69
N VAL B 43 25.75 -15.28 2.00
CA VAL B 43 25.02 -16.32 2.72
C VAL B 43 24.34 -15.70 3.92
N ARG B 44 23.04 -15.98 4.10
CA ARG B 44 22.32 -15.51 5.27
C ARG B 44 22.59 -16.45 6.43
N VAL B 45 23.15 -15.93 7.53
CA VAL B 45 23.52 -16.78 8.65
C VAL B 45 22.61 -16.63 9.85
N ILE B 46 21.94 -15.49 10.03
CA ILE B 46 21.01 -15.27 11.13
C ILE B 46 19.86 -14.42 10.62
N TYR B 47 18.62 -14.79 10.97
CA TYR B 47 17.45 -13.99 10.58
C TYR B 47 16.54 -13.79 11.78
N GLU B 48 15.84 -12.66 11.78
CA GLU B 48 14.89 -12.33 12.83
C GLU B 48 15.58 -12.28 14.20
N ASP B 49 16.63 -11.45 14.27
CA ASP B 49 17.49 -11.25 15.43
C ASP B 49 18.26 -12.51 15.80
N SER B 50 17.59 -13.66 15.94
CA SER B 50 18.27 -14.80 16.57
C SER B 50 17.98 -16.15 15.96
N LYS B 51 17.17 -16.26 14.91
CA LYS B 51 16.88 -17.56 14.35
C LYS B 51 17.96 -17.92 13.36
N ARG B 52 18.28 -19.21 13.28
CA ARG B 52 19.37 -19.67 12.46
C ARG B 52 18.83 -20.60 11.37
N PRO B 53 19.12 -20.33 10.11
CA PRO B 53 18.53 -21.12 9.03
C PRO B 53 19.20 -22.47 8.91
N SER B 54 18.47 -23.40 8.31
CA SER B 54 18.99 -24.74 8.12
C SER B 54 20.30 -24.69 7.34
N GLY B 55 21.24 -25.54 7.73
CA GLY B 55 22.51 -25.63 7.05
C GLY B 55 23.58 -24.67 7.50
N ILE B 56 23.27 -23.77 8.41
CA ILE B 56 24.27 -22.88 8.99
C ILE B 56 24.80 -23.50 10.27
N SER B 57 26.12 -23.43 10.44
CA SER B 57 26.77 -24.00 11.62
C SER B 57 26.14 -23.45 12.89
N ASP B 58 25.93 -24.35 13.86
CA ASP B 58 25.40 -23.98 15.17
C ASP B 58 26.41 -23.19 16.01
N ARG B 59 27.60 -22.90 15.48
CA ARG B 59 28.46 -21.96 16.15
C ARG B 59 27.97 -20.52 15.97
N PHE B 60 27.08 -20.29 15.00
CA PHE B 60 26.51 -18.97 14.79
C PHE B 60 25.23 -18.79 15.59
N SER B 61 25.14 -17.70 16.33
CA SER B 61 23.91 -17.37 17.03
C SER B 61 23.78 -15.86 17.07
N GLY B 62 22.62 -15.38 17.46
CA GLY B 62 22.38 -13.96 17.50
C GLY B 62 21.47 -13.58 18.63
N SER B 63 21.49 -12.29 18.95
CA SER B 63 20.64 -11.78 20.00
C SER B 63 20.52 -10.27 19.81
N SER B 64 19.50 -9.71 20.46
CA SER B 64 19.19 -8.29 20.32
C SER B 64 18.76 -7.78 21.67
N SER B 65 19.11 -6.51 21.93
CA SER B 65 18.57 -5.77 23.05
C SER B 65 18.57 -4.30 22.69
N GLY B 66 17.43 -3.65 22.89
CA GLY B 66 17.31 -2.26 22.54
C GLY B 66 17.82 -2.04 21.14
N THR B 67 18.81 -1.16 20.97
CA THR B 67 19.21 -0.70 19.65
C THR B 67 20.44 -1.40 19.08
N THR B 68 21.00 -2.40 19.77
CA THR B 68 22.12 -3.13 19.18
C THR B 68 21.70 -4.58 19.00
N ALA B 69 21.80 -5.06 17.75
CA ALA B 69 21.76 -6.49 17.44
C ALA B 69 23.20 -6.99 17.33
N THR B 70 23.46 -8.17 17.90
CA THR B 70 24.80 -8.73 17.84
C THR B 70 24.77 -10.14 17.28
N LEU B 71 25.82 -10.47 16.54
CA LEU B 71 26.03 -11.79 15.94
C LEU B 71 27.20 -12.45 16.65
N THR B 72 27.03 -13.72 17.03
CA THR B 72 27.98 -14.35 17.91
C THR B 72 28.50 -15.62 17.26
N ILE B 73 29.79 -15.66 17.00
CA ILE B 73 30.43 -16.82 16.41
C ILE B 73 31.23 -17.51 17.50
N ARG B 74 30.97 -18.79 17.69
CA ARG B 74 31.61 -19.57 18.73
C ARG B 74 32.60 -20.53 18.08
N ASP B 75 33.70 -20.85 18.79
CA ASP B 75 34.72 -21.77 18.29
C ASP B 75 35.20 -21.37 16.89
N ALA B 76 35.68 -20.14 16.80
CA ALA B 76 36.01 -19.54 15.51
C ALA B 76 36.93 -20.45 14.70
N GLN B 77 36.54 -20.67 13.46
CA GLN B 77 37.29 -21.41 12.47
C GLN B 77 37.89 -20.45 11.46
N ALA B 78 38.90 -20.93 10.75
CA ALA B 78 39.52 -20.07 9.73
C ALA B 78 38.50 -19.67 8.68
N GLU B 79 37.58 -20.56 8.33
CA GLU B 79 36.65 -20.22 7.28
C GLU B 79 35.57 -19.26 7.73
N ASP B 80 35.64 -18.73 8.93
CA ASP B 80 34.76 -17.64 9.31
C ASP B 80 35.31 -16.29 8.91
N GLU B 81 36.53 -16.25 8.38
CA GLU B 81 37.09 -14.99 7.91
C GLU B 81 36.26 -14.47 6.74
N ALA B 82 35.60 -13.34 6.93
CA ALA B 82 34.64 -12.85 5.95
C ALA B 82 34.25 -11.44 6.33
N ASP B 83 33.46 -10.81 5.46
CA ASP B 83 32.76 -9.58 5.80
C ASP B 83 31.35 -9.92 6.25
N TYR B 84 30.95 -9.41 7.40
CA TYR B 84 29.62 -9.64 7.94
C TYR B 84 28.81 -8.35 7.83
N TYR B 85 27.65 -8.42 7.18
CA TYR B 85 26.76 -7.27 7.04
C TYR B 85 25.45 -7.53 7.78
N CYS B 86 24.91 -6.50 8.42
CA CYS B 86 23.58 -6.62 9.02
C CYS B 86 22.63 -5.83 8.15
N LEU B 87 21.39 -6.28 8.12
CA LEU B 87 20.35 -5.72 7.28
C LEU B 87 19.13 -5.49 8.17
N SER B 88 18.49 -4.35 7.99
CA SER B 88 17.23 -4.08 8.67
C SER B 88 16.37 -3.16 7.80
N THR B 89 15.40 -2.54 8.45
CA THR B 89 14.38 -1.77 7.77
C THR B 89 14.33 -0.36 8.37
N TYR B 90 14.06 0.64 7.53
CA TYR B 90 14.05 2.00 8.02
C TYR B 90 12.86 2.76 7.43
N SER B 91 12.47 3.81 8.15
CA SER B 91 11.35 4.70 7.83
C SER B 91 9.96 4.08 7.76
N ASP B 92 8.98 4.97 7.57
CA ASP B 92 7.59 4.58 7.48
C ASP B 92 7.33 3.63 6.32
N ASP B 93 8.11 3.72 5.26
CA ASP B 93 7.91 2.84 4.12
C ASP B 93 8.64 1.50 4.26
N LYS B 94 9.36 1.30 5.38
CA LYS B 94 9.91 -0.02 5.75
C LYS B 94 10.83 -0.58 4.67
N LEU B 95 11.75 0.25 4.18
CA LEU B 95 12.69 -0.14 3.15
C LEU B 95 13.96 -0.69 3.79
N PRO B 96 14.75 -1.46 3.04
CA PRO B 96 15.90 -2.13 3.65
C PRO B 96 17.12 -1.22 3.71
N ILE B 97 18.02 -1.49 4.67
CA ILE B 97 19.32 -0.84 4.78
C ILE B 97 20.34 -1.84 5.29
N PHE B 98 21.55 -1.76 4.75
CA PHE B 98 22.68 -2.53 5.22
C PHE B 98 23.57 -1.67 6.10
N GLY B 99 24.11 -2.26 7.15
CA GLY B 99 25.20 -1.65 7.88
C GLY B 99 26.42 -1.59 7.00
N GLY B 100 27.48 -1.00 7.54
CA GLY B 100 28.65 -0.85 6.72
C GLY B 100 29.47 -2.11 6.55
N GLY B 101 29.19 -3.15 7.30
CA GLY B 101 30.00 -4.33 7.20
C GLY B 101 31.18 -4.33 8.16
N THR B 102 31.45 -5.50 8.76
CA THR B 102 32.61 -5.75 9.62
C THR B 102 33.45 -6.84 8.99
N LYS B 103 34.72 -6.52 8.70
CA LYS B 103 35.70 -7.52 8.25
C LYS B 103 36.29 -8.26 9.44
N LEU B 104 36.10 -9.57 9.50
CA LEU B 104 36.55 -10.39 10.64
C LEU B 104 37.76 -11.23 10.24
N THR B 105 38.88 -11.04 10.93
CA THR B 105 40.08 -11.81 10.69
C THR B 105 40.29 -12.74 11.88
N VAL B 106 40.58 -13.99 11.58
CA VAL B 106 40.80 -15.03 12.58
C VAL B 106 42.31 -15.23 12.76
N LEU B 107 42.82 -14.98 13.96
CA LEU B 107 44.24 -15.10 14.21
C LEU B 107 44.60 -16.48 14.71
N GLY B 108 45.89 -16.82 14.61
CA GLY B 108 46.36 -18.07 15.15
C GLY B 108 46.39 -19.20 14.15
N GLN B 109 46.24 -18.91 12.87
CA GLN B 109 46.20 -19.99 11.90
C GLN B 109 47.61 -20.51 11.62
N PRO B 110 47.72 -21.78 11.20
CA PRO B 110 49.07 -22.37 11.04
C PRO B 110 49.87 -21.62 9.98
N LYS B 111 51.12 -21.32 10.33
CA LYS B 111 52.03 -20.76 9.33
C LYS B 111 52.23 -21.78 8.20
N SER B 112 52.47 -21.26 7.00
CA SER B 112 52.68 -22.11 5.83
C SER B 112 53.52 -21.38 4.80
N SER B 113 54.61 -22.03 4.35
CA SER B 113 55.55 -21.47 3.38
C SER B 113 55.05 -21.66 1.94
N PRO B 114 55.44 -20.78 1.03
CA PRO B 114 54.83 -20.77 -0.31
C PRO B 114 55.39 -21.83 -1.23
N SER B 115 54.58 -22.14 -2.24
CA SER B 115 54.94 -23.03 -3.36
C SER B 115 55.10 -22.16 -4.59
N VAL B 116 56.30 -22.14 -5.16
CA VAL B 116 56.65 -21.22 -6.23
C VAL B 116 56.85 -22.00 -7.51
N THR B 117 56.28 -21.51 -8.60
CA THR B 117 56.42 -22.10 -9.92
C THR B 117 56.76 -21.00 -10.91
N LEU B 118 57.76 -21.23 -11.75
CA LEU B 118 58.25 -20.23 -12.67
C LEU B 118 58.10 -20.76 -14.08
N PHE B 119 57.33 -20.05 -14.93
CA PHE B 119 57.16 -20.48 -16.31
C PHE B 119 57.90 -19.56 -17.29
N PRO B 120 58.51 -20.12 -18.35
CA PRO B 120 59.13 -19.28 -19.39
C PRO B 120 58.07 -18.72 -20.33
N PRO B 121 58.45 -17.84 -21.25
CA PRO B 121 57.48 -17.39 -22.25
C PRO B 121 57.14 -18.49 -23.22
N SER B 122 55.92 -18.45 -23.71
CA SER B 122 55.50 -19.39 -24.73
C SER B 122 56.10 -19.01 -26.07
N SER B 123 56.24 -20.00 -26.96
CA SER B 123 56.68 -19.68 -28.31
C SER B 123 55.69 -18.77 -29.01
N GLU B 124 54.39 -19.00 -28.78
CA GLU B 124 53.36 -18.16 -29.40
C GLU B 124 53.53 -16.71 -28.99
N GLU B 125 53.79 -16.44 -27.70
CA GLU B 125 53.87 -15.06 -27.26
C GLU B 125 55.10 -14.37 -27.83
N LEU B 126 56.23 -15.09 -27.93
CA LEU B 126 57.42 -14.47 -28.48
C LEU B 126 57.16 -14.00 -29.90
N GLU B 127 56.32 -14.74 -30.64
CA GLU B 127 55.99 -14.38 -32.01
C GLU B 127 55.41 -12.99 -32.14
N THR B 128 54.84 -12.44 -31.07
CA THR B 128 54.42 -11.04 -31.06
C THR B 128 55.53 -10.12 -30.57
N ASN B 129 56.74 -10.66 -30.39
CA ASN B 129 57.91 -9.90 -29.96
C ASN B 129 57.79 -9.38 -28.52
N LYS B 130 57.03 -10.08 -27.69
CA LYS B 130 56.89 -9.74 -26.28
C LYS B 130 57.12 -11.02 -25.48
N ALA B 131 57.49 -10.89 -24.21
CA ALA B 131 57.81 -12.09 -23.43
C ALA B 131 57.44 -11.88 -21.97
N THR B 132 56.57 -12.75 -21.45
CA THR B 132 56.13 -12.69 -20.05
C THR B 132 56.54 -13.98 -19.35
N LEU B 133 57.34 -13.86 -18.29
CA LEU B 133 57.57 -14.95 -17.36
C LEU B 133 56.60 -14.81 -16.20
N VAL B 134 56.06 -15.94 -15.76
CA VAL B 134 55.02 -15.98 -14.74
C VAL B 134 55.52 -16.77 -13.55
N CYS B 135 55.35 -16.21 -12.36
CA CYS B 135 55.81 -16.80 -11.12
C CYS B 135 54.58 -16.93 -10.22
N THR B 136 54.04 -18.15 -10.11
CA THR B 136 52.85 -18.40 -9.30
C THR B 136 53.24 -18.82 -7.90
N ILE B 137 52.48 -18.37 -6.91
CA ILE B 137 52.80 -18.53 -5.50
C ILE B 137 51.55 -19.01 -4.77
N THR B 138 51.59 -20.22 -4.18
CA THR B 138 50.40 -20.74 -3.53
C THR B 138 50.71 -21.32 -2.15
N ASP B 139 49.62 -21.54 -1.40
CA ASP B 139 49.62 -22.30 -0.14
C ASP B 139 50.53 -21.66 0.90
N PHE B 140 50.42 -20.34 1.07
CA PHE B 140 51.17 -19.67 2.11
C PHE B 140 50.24 -18.93 3.07
N TYR B 141 50.69 -18.79 4.31
CA TYR B 141 49.99 -18.07 5.37
C TYR B 141 51.05 -17.63 6.36
N PRO B 142 51.00 -16.39 6.88
CA PRO B 142 50.04 -15.34 6.57
C PRO B 142 50.09 -14.86 5.11
N GLY B 143 49.16 -13.99 4.74
CA GLY B 143 49.02 -13.59 3.35
C GLY B 143 49.83 -12.37 2.98
N VAL B 144 51.09 -12.31 3.39
CA VAL B 144 51.97 -11.22 3.00
C VAL B 144 53.28 -11.78 2.45
N VAL B 145 53.64 -11.35 1.25
CA VAL B 145 54.77 -11.94 0.55
C VAL B 145 55.42 -10.83 -0.27
N THR B 146 56.73 -10.95 -0.48
CA THR B 146 57.48 -9.95 -1.23
C THR B 146 58.29 -10.67 -2.31
N VAL B 147 58.27 -10.16 -3.53
CA VAL B 147 58.80 -10.86 -4.69
C VAL B 147 59.88 -10.00 -5.33
N ASP B 148 61.05 -10.61 -5.60
CA ASP B 148 62.15 -9.96 -6.29
C ASP B 148 62.61 -10.81 -7.46
N TRP B 149 62.85 -10.17 -8.60
CA TRP B 149 63.30 -10.87 -9.80
C TRP B 149 64.77 -10.57 -10.03
N LYS B 150 65.49 -11.58 -10.50
CA LYS B 150 66.90 -11.41 -10.83
C LYS B 150 67.09 -11.94 -12.25
N VAL B 151 67.81 -11.19 -13.08
CA VAL B 151 68.12 -11.58 -14.45
C VAL B 151 69.63 -11.51 -14.58
N ASP B 152 70.25 -12.62 -14.91
CA ASP B 152 71.70 -12.73 -14.92
C ASP B 152 72.28 -12.26 -13.58
N GLY B 153 71.60 -12.65 -12.49
CA GLY B 153 72.05 -12.30 -11.15
C GLY B 153 71.75 -10.89 -10.73
N THR B 154 71.15 -10.07 -11.60
CA THR B 154 70.94 -8.65 -11.35
C THR B 154 69.50 -8.33 -11.02
N PRO B 155 69.23 -7.55 -9.98
CA PRO B 155 67.85 -7.14 -9.71
C PRO B 155 67.20 -6.49 -10.91
N VAL B 156 65.91 -6.73 -11.08
CA VAL B 156 65.07 -6.05 -12.07
C VAL B 156 63.90 -5.39 -11.37
N THR B 157 63.78 -4.07 -11.51
CA THR B 157 62.60 -3.37 -11.01
C THR B 157 61.65 -3.01 -12.16
N GLN B 158 62.12 -3.15 -13.38
CA GLN B 158 61.45 -2.62 -14.54
C GLN B 158 60.67 -3.75 -15.19
N GLY B 159 59.37 -3.52 -15.41
CA GLY B 159 58.58 -4.53 -16.07
C GLY B 159 58.12 -5.64 -15.16
N MET B 160 58.18 -5.43 -13.85
CA MET B 160 57.67 -6.37 -12.88
C MET B 160 56.36 -5.83 -12.32
N GLU B 161 55.36 -6.68 -12.25
CA GLU B 161 54.13 -6.38 -11.54
C GLU B 161 53.82 -7.63 -10.74
N THR B 162 53.45 -7.46 -9.48
CA THR B 162 53.14 -8.63 -8.69
C THR B 162 51.82 -8.42 -7.95
N THR B 163 51.07 -9.49 -7.83
CA THR B 163 49.66 -9.50 -7.49
C THR B 163 49.42 -9.18 -6.01
N GLN B 164 48.20 -8.74 -5.69
CA GLN B 164 47.90 -8.65 -4.27
C GLN B 164 47.49 -10.03 -3.75
N PRO B 165 47.90 -10.41 -2.53
CA PRO B 165 47.54 -11.73 -2.02
C PRO B 165 46.04 -11.90 -1.88
N SER B 166 45.55 -13.08 -2.25
CA SER B 166 44.14 -13.41 -2.09
C SER B 166 43.98 -14.81 -1.52
N LYS B 167 42.78 -15.11 -1.04
CA LYS B 167 42.54 -16.31 -0.24
C LYS B 167 42.16 -17.48 -1.15
N GLN B 168 42.68 -18.66 -0.81
CA GLN B 168 42.33 -19.90 -1.50
C GLN B 168 41.12 -20.60 -0.86
N SER B 169 40.67 -21.67 -1.53
CA SER B 169 39.61 -22.53 -1.01
C SER B 169 39.99 -23.18 0.31
N ASN B 170 41.28 -23.49 0.51
CA ASN B 170 41.78 -24.05 1.75
C ASN B 170 42.19 -22.98 2.76
N ASN B 171 41.78 -21.73 2.54
CA ASN B 171 42.05 -20.61 3.44
C ASN B 171 43.53 -20.29 3.58
N LYS B 172 44.39 -20.88 2.76
CA LYS B 172 45.72 -20.34 2.57
C LYS B 172 45.69 -19.28 1.48
N TYR B 173 46.82 -18.62 1.24
CA TYR B 173 46.85 -17.52 0.30
C TYR B 173 47.59 -17.88 -0.98
N MET B 174 47.29 -17.12 -2.04
CA MET B 174 47.88 -17.31 -3.35
C MET B 174 48.24 -15.95 -3.91
N ALA B 175 49.18 -15.92 -4.84
CA ALA B 175 49.60 -14.70 -5.51
C ALA B 175 50.42 -15.07 -6.73
N SER B 176 50.66 -14.09 -7.60
CA SER B 176 51.46 -14.31 -8.81
C SER B 176 52.23 -13.04 -9.15
N SER B 177 53.37 -13.22 -9.79
CA SER B 177 54.20 -12.08 -10.20
C SER B 177 54.57 -12.27 -11.67
N TYR B 178 54.55 -11.17 -12.42
CA TYR B 178 54.83 -11.16 -13.84
C TYR B 178 56.07 -10.34 -14.13
N LEU B 179 56.98 -10.88 -14.92
CA LEU B 179 58.11 -10.13 -15.49
C LEU B 179 57.94 -10.11 -17.00
N THR B 180 57.74 -8.93 -17.56
CA THR B 180 57.47 -8.83 -18.98
C THR B 180 58.64 -8.17 -19.69
N LEU B 181 59.00 -8.72 -20.84
CA LEU B 181 60.17 -8.36 -21.62
C LEU B 181 59.83 -8.35 -23.09
N THR B 182 60.56 -7.54 -23.86
CA THR B 182 60.55 -7.70 -25.30
C THR B 182 61.26 -8.99 -25.67
N ALA B 183 60.88 -9.57 -26.81
CA ALA B 183 61.49 -10.85 -27.20
C ALA B 183 62.99 -10.70 -27.45
N ARG B 184 63.43 -9.55 -27.98
CA ARG B 184 64.86 -9.31 -28.15
C ARG B 184 65.57 -9.41 -26.80
N ALA B 185 65.01 -8.77 -25.77
CA ALA B 185 65.61 -8.82 -24.45
C ALA B 185 65.61 -10.23 -23.86
N TRP B 186 64.63 -11.05 -24.23
CA TRP B 186 64.58 -12.37 -23.64
C TRP B 186 65.74 -13.23 -24.12
N GLU B 187 66.18 -13.06 -25.36
CA GLU B 187 67.29 -13.85 -25.87
C GLU B 187 68.64 -13.18 -25.67
N ARG B 188 68.66 -12.01 -25.04
CA ARG B 188 69.88 -11.29 -24.72
C ARG B 188 70.42 -11.67 -23.35
N HIS B 189 69.62 -12.33 -22.51
CA HIS B 189 70.03 -12.72 -21.17
C HIS B 189 69.79 -14.22 -21.03
N SER B 190 70.44 -14.85 -20.05
CA SER B 190 70.42 -16.32 -19.97
C SER B 190 69.69 -16.87 -18.75
N SER B 191 69.87 -16.31 -17.57
CA SER B 191 69.33 -16.87 -16.34
C SER B 191 68.24 -15.97 -15.77
N TYR B 192 67.13 -16.58 -15.35
CA TYR B 192 65.98 -15.87 -14.82
C TYR B 192 65.57 -16.49 -13.49
N SER B 193 65.33 -15.66 -12.48
CA SER B 193 64.99 -16.16 -11.15
C SER B 193 63.92 -15.31 -10.49
N CYS B 194 62.92 -15.97 -9.93
CA CYS B 194 61.87 -15.37 -9.14
C CYS B 194 62.12 -15.71 -7.68
N GLN B 195 62.31 -14.70 -6.84
CA GLN B 195 62.60 -14.91 -5.42
C GLN B 195 61.44 -14.39 -4.62
N VAL B 196 60.76 -15.30 -3.93
CA VAL B 196 59.60 -15.00 -3.11
C VAL B 196 60.04 -15.06 -1.66
N THR B 197 59.76 -14.01 -0.89
CA THR B 197 60.13 -13.97 0.51
C THR B 197 58.88 -13.95 1.39
N HIS B 198 58.78 -14.95 2.26
CA HIS B 198 57.63 -15.09 3.17
C HIS B 198 58.15 -15.25 4.59
N GLU B 199 57.77 -14.33 5.47
CA GLU B 199 58.17 -14.36 6.87
C GLU B 199 59.65 -14.68 7.03
N GLY B 200 60.49 -13.91 6.34
CA GLY B 200 61.93 -13.98 6.52
C GLY B 200 62.67 -15.02 5.71
N HIS B 201 62.02 -16.04 5.16
CA HIS B 201 62.72 -17.06 4.40
C HIS B 201 62.41 -16.87 2.91
N THR B 202 63.41 -17.09 2.08
CA THR B 202 63.28 -16.94 0.64
C THR B 202 63.30 -18.30 -0.03
N VAL B 203 62.29 -18.57 -0.85
CA VAL B 203 62.29 -19.71 -1.75
C VAL B 203 62.40 -19.17 -3.16
N GLU B 204 63.28 -19.76 -3.94
CA GLU B 204 63.66 -19.28 -5.27
C GLU B 204 63.39 -20.35 -6.30
N LYS B 205 62.90 -19.94 -7.46
CA LYS B 205 62.83 -20.81 -8.63
C LYS B 205 63.54 -20.10 -9.79
N SER B 206 64.38 -20.83 -10.51
CA SER B 206 65.21 -20.30 -11.60
C SER B 206 64.97 -21.07 -12.88
N LEU B 207 65.42 -20.48 -13.99
CA LEU B 207 65.42 -21.16 -15.27
C LEU B 207 66.46 -20.52 -16.17
N SER B 208 66.93 -21.31 -17.15
CA SER B 208 67.77 -20.88 -18.26
C SER B 208 67.06 -21.20 -19.57
N ARG B 209 67.46 -20.56 -20.67
CA ARG B 209 66.91 -20.97 -21.96
C ARG B 209 67.76 -22.10 -22.54
N ALA B 210 67.59 -23.29 -21.96
CA ALA B 210 68.28 -24.51 -22.38
C ALA B 210 67.61 -25.73 -21.78
N VAL C 2 -22.59 8.78 17.06
CA VAL C 2 -21.54 9.27 16.18
C VAL C 2 -22.10 10.53 15.55
N GLN C 3 -21.29 11.59 15.45
CA GLN C 3 -21.72 12.78 14.73
C GLN C 3 -20.54 13.36 13.96
N LEU C 4 -20.77 13.68 12.69
CA LEU C 4 -19.82 14.41 11.84
C LEU C 4 -20.43 15.75 11.48
N LYS C 5 -19.72 16.84 11.76
CA LYS C 5 -20.25 18.16 11.45
C LYS C 5 -19.25 18.89 10.59
N GLU C 6 -19.63 19.21 9.35
CA GLU C 6 -18.79 20.03 8.49
C GLU C 6 -19.09 21.50 8.73
N SER C 7 -18.04 22.30 8.80
CA SER C 7 -18.17 23.74 8.96
C SER C 7 -17.24 24.46 7.99
N GLY C 8 -17.62 25.68 7.61
CA GLY C 8 -16.82 26.45 6.71
C GLY C 8 -17.53 27.69 6.23
N PRO C 9 -16.84 28.52 5.45
CA PRO C 9 -17.44 29.76 4.97
C PRO C 9 -18.50 29.45 3.93
N GLY C 10 -19.49 30.33 3.83
CA GLY C 10 -20.59 30.11 2.92
C GLY C 10 -20.24 30.45 1.49
N LEU C 11 -19.44 31.50 1.34
CA LEU C 11 -19.12 32.08 0.04
C LEU C 11 -17.61 32.21 -0.09
N VAL C 12 -17.09 31.69 -1.19
CA VAL C 12 -15.66 31.75 -1.46
C VAL C 12 -15.49 32.27 -2.88
N GLN C 13 -14.50 33.15 -3.06
CA GLN C 13 -14.25 33.88 -4.30
C GLN C 13 -13.36 33.06 -5.22
N PRO C 14 -13.62 33.05 -6.52
CA PRO C 14 -12.81 32.24 -7.43
C PRO C 14 -11.33 32.59 -7.29
N SER C 15 -10.48 31.57 -7.36
CA SER C 15 -9.04 31.72 -7.18
C SER C 15 -8.66 32.10 -5.75
N GLN C 16 -9.57 31.90 -4.79
CA GLN C 16 -9.21 31.95 -3.37
C GLN C 16 -8.89 30.54 -2.90
N THR C 17 -8.80 30.33 -1.59
CA THR C 17 -8.66 29.00 -1.04
C THR C 17 -9.86 28.69 -0.15
N LEU C 18 -10.28 27.44 -0.16
CA LEU C 18 -11.47 27.00 0.55
C LEU C 18 -11.05 26.12 1.71
N SER C 19 -11.36 26.55 2.92
CA SER C 19 -11.03 25.81 4.14
C SER C 19 -12.32 25.28 4.75
N LEU C 20 -12.50 23.96 4.70
CA LEU C 20 -13.60 23.31 5.39
C LEU C 20 -13.07 22.45 6.53
N THR C 21 -13.85 22.35 7.59
CA THR C 21 -13.47 21.54 8.74
C THR C 21 -14.58 20.56 9.06
N CYS C 22 -14.20 19.32 9.25
CA CYS C 22 -15.08 18.25 9.71
C CYS C 22 -14.71 17.88 11.14
N THR C 23 -15.68 17.96 12.04
CA THR C 23 -15.50 17.62 13.45
C THR C 23 -16.19 16.30 13.75
N VAL C 24 -15.43 15.29 14.13
CA VAL C 24 -16.00 13.96 14.35
C VAL C 24 -16.15 13.72 15.85
N SER C 25 -17.28 13.13 16.22
CA SER C 25 -17.56 12.78 17.60
C SER C 25 -18.02 11.34 17.63
N GLY C 26 -17.68 10.65 18.71
CA GLY C 26 -18.11 9.28 18.86
C GLY C 26 -17.32 8.29 18.06
N LEU C 27 -16.29 8.76 17.34
CA LEU C 27 -15.35 7.93 16.58
C LEU C 27 -13.95 8.35 16.97
N SER C 28 -13.04 7.39 17.02
CA SER C 28 -11.63 7.71 17.22
C SER C 28 -10.99 7.94 15.87
N LEU C 29 -10.55 9.19 15.63
CA LEU C 29 -9.99 9.54 14.32
C LEU C 29 -8.76 8.71 13.97
N THR C 30 -7.98 8.29 14.95
CA THR C 30 -6.78 7.52 14.63
C THR C 30 -7.10 6.12 14.15
N ASN C 31 -8.32 5.63 14.34
CA ASN C 31 -8.70 4.30 13.90
C ASN C 31 -9.62 4.33 12.70
N ASN C 32 -9.86 5.50 12.14
CA ASN C 32 -10.86 5.62 11.10
C ASN C 32 -10.35 6.48 9.97
N ILE C 33 -11.05 6.40 8.86
CA ILE C 33 -10.81 7.25 7.72
C ILE C 33 -11.88 8.31 7.72
N VAL C 34 -11.64 9.38 6.98
CA VAL C 34 -12.64 10.42 6.73
C VAL C 34 -12.58 10.79 5.26
N SER C 35 -13.69 10.59 4.53
CA SER C 35 -13.83 11.02 3.15
C SER C 35 -14.61 12.32 3.03
N TRP C 36 -14.27 13.07 1.98
CA TRP C 36 -15.00 14.25 1.56
C TRP C 36 -15.72 13.93 0.26
N ILE C 37 -17.02 14.18 0.24
CA ILE C 37 -17.90 13.91 -0.89
C ILE C 37 -18.62 15.22 -1.17
N ARG C 38 -18.77 15.55 -2.44
CA ARG C 38 -19.42 16.80 -2.78
C ARG C 38 -20.54 16.55 -3.77
N GLN C 39 -21.52 17.46 -3.75
CA GLN C 39 -22.72 17.36 -4.58
C GLN C 39 -23.05 18.72 -5.17
N PRO C 40 -22.75 18.95 -6.45
CA PRO C 40 -23.25 20.15 -7.10
C PRO C 40 -24.76 20.16 -7.09
N PRO C 41 -25.39 21.34 -7.07
CA PRO C 41 -26.85 21.41 -6.99
C PRO C 41 -27.56 20.67 -8.12
N GLY C 42 -28.62 19.95 -7.75
CA GLY C 42 -29.38 19.15 -8.69
C GLY C 42 -28.65 17.94 -9.23
N LYS C 43 -27.40 17.72 -8.83
CA LYS C 43 -26.55 16.67 -9.39
C LYS C 43 -26.28 15.58 -8.36
N GLY C 44 -25.43 14.62 -8.77
CA GLY C 44 -25.11 13.46 -7.97
C GLY C 44 -23.83 13.60 -7.17
N LEU C 45 -23.55 12.58 -6.37
CA LEU C 45 -22.41 12.61 -5.45
C LEU C 45 -21.10 12.34 -6.16
N GLU C 46 -20.07 13.10 -5.82
CA GLU C 46 -18.73 12.90 -6.36
C GLU C 46 -17.76 12.74 -5.20
N TRP C 47 -17.11 11.59 -5.12
CA TRP C 47 -16.12 11.38 -4.07
C TRP C 47 -14.87 12.19 -4.38
N MET C 48 -14.34 12.90 -3.39
CA MET C 48 -13.23 13.83 -3.60
C MET C 48 -11.88 13.33 -3.10
N GLY C 49 -11.85 12.69 -1.95
CA GLY C 49 -10.58 12.31 -1.34
C GLY C 49 -10.83 11.69 0.01
N VAL C 50 -9.79 11.06 0.53
CA VAL C 50 -9.85 10.36 1.81
C VAL C 50 -8.52 10.54 2.52
N ILE C 51 -8.56 10.69 3.84
CA ILE C 51 -7.38 10.56 4.69
C ILE C 51 -7.49 9.24 5.44
N TRP C 52 -6.53 8.35 5.19
CA TRP C 52 -6.63 6.99 5.69
C TRP C 52 -6.35 6.96 7.21
N SER C 53 -6.59 5.78 7.80
CA SER C 53 -6.45 5.67 9.25
C SER C 53 -5.06 6.07 9.72
N ASN C 54 -4.08 6.02 8.83
CA ASN C 54 -2.68 6.25 9.14
C ASN C 54 -2.17 7.61 8.67
N GLY C 55 -3.06 8.55 8.33
CA GLY C 55 -2.63 9.89 7.96
C GLY C 55 -2.24 10.08 6.50
N GLY C 56 -2.07 8.99 5.74
CA GLY C 56 -1.89 9.12 4.31
C GLY C 56 -3.16 9.61 3.64
N THR C 57 -3.08 9.87 2.33
CA THR C 57 -4.20 10.44 1.59
C THR C 57 -4.27 9.86 0.18
N ASP C 58 -5.47 9.90 -0.39
CA ASP C 58 -5.62 9.72 -1.82
C ASP C 58 -6.78 10.58 -2.31
N TYR C 59 -6.77 10.91 -3.60
CA TYR C 59 -7.71 11.87 -4.13
C TYR C 59 -8.30 11.38 -5.44
N ASN C 60 -9.42 12.01 -5.82
CA ASN C 60 -9.99 11.83 -7.15
C ASN C 60 -9.11 12.52 -8.19
N SER C 61 -8.82 11.81 -9.28
CA SER C 61 -7.96 12.35 -10.33
C SER C 61 -8.56 13.56 -11.03
N ALA C 62 -9.84 13.83 -10.85
CA ALA C 62 -10.47 14.99 -11.49
C ALA C 62 -10.36 16.27 -10.67
N ILE C 63 -9.70 16.24 -9.52
CA ILE C 63 -9.48 17.46 -8.75
C ILE C 63 -8.07 17.48 -8.17
N LYS C 64 -7.44 16.30 -8.14
CA LYS C 64 -6.12 16.00 -7.56
C LYS C 64 -5.19 17.18 -7.28
N SER C 65 -5.07 18.11 -8.23
CA SER C 65 -4.09 19.19 -8.10
C SER C 65 -4.48 20.21 -7.04
N ARG C 66 -5.77 20.35 -6.76
CA ARG C 66 -6.29 21.41 -5.91
C ARG C 66 -6.65 20.93 -4.51
N LEU C 67 -6.53 19.64 -4.24
CA LEU C 67 -7.02 19.05 -3.02
C LEU C 67 -5.89 18.82 -2.03
N SER C 68 -6.18 19.06 -0.75
CA SER C 68 -5.22 18.78 0.31
C SER C 68 -5.99 18.46 1.57
N ILE C 69 -5.87 17.22 2.06
CA ILE C 69 -6.59 16.77 3.26
C ILE C 69 -5.60 16.51 4.37
N THR C 70 -5.89 17.05 5.55
CA THR C 70 -5.10 16.84 6.75
C THR C 70 -6.06 16.63 7.91
N ARG C 71 -5.50 16.32 9.08
CA ARG C 71 -6.29 16.05 10.27
C ARG C 71 -5.50 16.45 11.51
N ASP C 72 -6.21 16.78 12.58
CA ASP C 72 -5.63 16.97 13.90
C ASP C 72 -6.24 15.92 14.82
N THR C 73 -5.48 14.85 15.05
CA THR C 73 -6.00 13.71 15.77
C THR C 73 -6.42 14.09 17.19
N SER C 74 -5.67 14.99 17.82
CA SER C 74 -6.00 15.37 19.19
C SER C 74 -7.24 16.24 19.25
N LYS C 75 -7.41 17.16 18.30
CA LYS C 75 -8.64 17.96 18.26
C LYS C 75 -9.79 17.23 17.58
N SER C 76 -9.51 16.09 16.94
CA SER C 76 -10.55 15.24 16.38
C SER C 76 -11.25 15.92 15.19
N GLN C 77 -10.46 16.56 14.34
CA GLN C 77 -10.96 17.30 13.19
C GLN C 77 -10.21 16.87 11.94
N VAL C 78 -10.90 16.93 10.79
CA VAL C 78 -10.28 16.68 9.50
C VAL C 78 -10.49 17.91 8.62
N PHE C 79 -9.44 18.31 7.91
CA PHE C 79 -9.41 19.59 7.22
C PHE C 79 -9.37 19.38 5.72
N LEU C 80 -10.24 20.09 5.01
CA LEU C 80 -10.20 20.17 3.56
C LEU C 80 -9.69 21.53 3.15
N LYS C 81 -8.69 21.57 2.26
CA LYS C 81 -8.19 22.80 1.67
C LYS C 81 -8.12 22.64 0.16
N MET C 82 -8.77 23.56 -0.54
CA MET C 82 -8.89 23.46 -1.99
C MET C 82 -8.61 24.84 -2.60
N ASN C 83 -7.67 24.90 -3.53
CA ASN C 83 -7.32 26.18 -4.15
C ASN C 83 -7.67 26.17 -5.63
N SER C 84 -7.65 27.38 -6.22
CA SER C 84 -7.90 27.64 -7.64
C SER C 84 -9.27 27.08 -8.06
N LEU C 85 -10.29 27.72 -7.53
CA LEU C 85 -11.66 27.23 -7.66
C LEU C 85 -12.36 27.84 -8.86
N GLN C 86 -13.18 27.03 -9.53
CA GLN C 86 -14.07 27.52 -10.58
C GLN C 86 -15.51 27.51 -10.08
N THR C 87 -16.43 28.03 -10.91
CA THR C 87 -17.83 28.10 -10.47
C THR C 87 -18.41 26.71 -10.23
N GLU C 88 -17.96 25.70 -10.98
CA GLU C 88 -18.48 24.35 -10.79
C GLU C 88 -18.07 23.72 -9.47
N ASP C 89 -17.22 24.38 -8.68
CA ASP C 89 -16.97 23.88 -7.34
C ASP C 89 -18.07 24.26 -6.37
N THR C 90 -19.07 25.01 -6.83
CA THR C 90 -20.20 25.35 -5.99
C THR C 90 -21.02 24.09 -5.75
N ALA C 91 -21.04 23.63 -4.51
CA ALA C 91 -21.68 22.35 -4.18
C ALA C 91 -21.90 22.26 -2.68
N MET C 92 -22.65 21.24 -2.30
CA MET C 92 -22.74 20.80 -0.92
C MET C 92 -21.58 19.84 -0.65
N TYR C 93 -20.89 20.02 0.48
CA TYR C 93 -19.72 19.22 0.83
C TYR C 93 -20.01 18.35 2.04
N PHE C 94 -19.88 17.03 1.88
CA PHE C 94 -20.15 16.08 2.96
C PHE C 94 -18.89 15.43 3.51
N CYS C 95 -18.95 15.17 4.82
CA CYS C 95 -17.97 14.41 5.57
C CYS C 95 -18.54 13.01 5.84
N ALA C 96 -17.73 11.96 5.69
CA ALA C 96 -18.25 10.62 5.93
C ALA C 96 -17.18 9.71 6.49
N SER C 97 -17.59 8.63 7.15
CA SER C 97 -16.59 7.80 7.81
C SER C 97 -17.08 6.38 8.07
N ARG C 98 -16.11 5.49 8.23
CA ARG C 98 -16.21 4.10 8.69
C ARG C 98 -16.89 3.12 7.76
N ASP C 99 -16.51 1.84 7.84
CA ASP C 99 -16.96 0.80 6.93
C ASP C 99 -16.48 1.09 5.51
N TYR C 100 -15.30 1.72 5.39
CA TYR C 100 -14.71 1.96 4.09
C TYR C 100 -14.77 0.69 3.25
N PRO C 101 -15.21 0.77 1.99
CA PRO C 101 -15.58 2.02 1.32
C PRO C 101 -17.06 2.41 1.47
N GLY C 102 -17.83 1.57 2.13
CA GLY C 102 -19.24 1.90 2.26
C GLY C 102 -19.53 2.80 3.43
N PHE C 103 -19.08 4.06 3.36
CA PHE C 103 -19.16 4.99 4.48
C PHE C 103 -20.47 4.83 5.23
N ALA C 104 -20.38 4.63 6.54
CA ALA C 104 -21.56 4.35 7.34
C ALA C 104 -22.16 5.58 7.98
N TYR C 105 -21.36 6.58 8.28
CA TYR C 105 -21.83 7.80 8.92
C TYR C 105 -21.50 9.00 8.06
N TRP C 106 -22.45 9.93 7.96
CA TRP C 106 -22.34 11.09 7.10
C TRP C 106 -22.67 12.36 7.89
N GLY C 107 -22.05 13.46 7.50
CA GLY C 107 -22.46 14.75 8.00
C GLY C 107 -23.73 15.21 7.31
N GLN C 108 -24.31 16.29 7.83
CA GLN C 108 -25.44 16.87 7.14
C GLN C 108 -25.02 17.56 5.86
N GLY C 109 -23.78 18.02 5.79
CA GLY C 109 -23.29 18.79 4.67
C GLY C 109 -23.28 20.28 4.97
N THR C 110 -22.30 20.98 4.39
CA THR C 110 -22.29 22.43 4.34
C THR C 110 -22.29 22.90 2.89
N LEU C 111 -23.06 23.94 2.60
CA LEU C 111 -23.07 24.54 1.27
C LEU C 111 -21.95 25.55 1.11
N VAL C 112 -21.27 25.49 -0.03
CA VAL C 112 -20.23 26.45 -0.38
C VAL C 112 -20.51 26.95 -1.79
N THR C 113 -20.58 28.27 -1.93
CA THR C 113 -20.84 28.90 -3.22
C THR C 113 -19.57 29.61 -3.69
N VAL C 114 -19.16 29.33 -4.93
CA VAL C 114 -17.99 29.97 -5.53
C VAL C 114 -18.47 31.05 -6.49
N SER C 115 -18.21 32.31 -6.14
CA SER C 115 -18.85 33.40 -6.85
C SER C 115 -18.13 34.72 -6.61
N SER C 116 -18.20 35.58 -7.63
CA SER C 116 -17.67 36.93 -7.57
C SER C 116 -18.63 37.92 -6.92
N ALA C 117 -19.87 37.52 -6.67
CA ALA C 117 -20.85 38.41 -6.08
C ALA C 117 -20.53 38.64 -4.60
N LYS C 118 -21.04 39.74 -4.08
CA LYS C 118 -20.86 40.06 -2.67
C LYS C 118 -21.89 39.36 -1.81
N THR C 119 -21.51 39.06 -0.56
CA THR C 119 -22.49 38.59 0.39
C THR C 119 -23.51 39.70 0.61
N THR C 120 -24.79 39.34 0.63
CA THR C 120 -25.85 40.31 0.89
C THR C 120 -26.84 39.75 1.90
N PRO C 121 -27.07 40.42 3.03
CA PRO C 121 -28.07 39.90 3.97
C PRO C 121 -29.47 40.12 3.41
N PRO C 122 -30.43 39.28 3.82
CA PRO C 122 -31.79 39.40 3.30
C PRO C 122 -32.57 40.50 4.00
N SER C 123 -33.56 41.03 3.29
CA SER C 123 -34.60 41.88 3.84
C SER C 123 -35.84 41.05 4.09
N VAL C 124 -36.41 41.14 5.28
CA VAL C 124 -37.53 40.30 5.67
C VAL C 124 -38.76 41.18 5.80
N TYR C 125 -39.72 40.97 4.93
CA TYR C 125 -40.93 41.78 4.91
C TYR C 125 -42.12 40.89 5.27
N PRO C 126 -43.10 41.42 5.99
CA PRO C 126 -44.21 40.58 6.45
C PRO C 126 -45.25 40.39 5.36
N LEU C 127 -45.76 39.15 5.28
CA LEU C 127 -46.85 38.79 4.38
C LEU C 127 -48.06 38.42 5.24
N ALA C 128 -48.97 39.36 5.41
CA ALA C 128 -50.25 39.20 6.10
C ALA C 128 -51.38 39.46 5.12
N PRO C 129 -52.54 38.84 5.32
CA PRO C 129 -53.68 39.00 4.42
C PRO C 129 -54.08 40.43 4.12
N SER C 137 -61.75 30.81 11.21
CA SER C 137 -61.38 29.58 10.51
C SER C 137 -59.88 29.33 10.63
N MET C 138 -59.17 29.67 9.56
CA MET C 138 -57.73 29.47 9.48
C MET C 138 -57.14 30.65 8.72
N VAL C 139 -56.11 31.28 9.29
CA VAL C 139 -55.40 32.34 8.59
C VAL C 139 -54.00 31.85 8.25
N THR C 140 -53.51 32.26 7.07
CA THR C 140 -52.17 31.92 6.61
C THR C 140 -51.32 33.18 6.56
N LEU C 141 -50.21 33.18 7.29
CA LEU C 141 -49.30 34.32 7.36
C LEU C 141 -47.97 33.94 6.74
N GLY C 142 -47.13 34.93 6.47
CA GLY C 142 -45.89 34.56 5.83
C GLY C 142 -44.78 35.57 6.04
N CYS C 143 -43.61 35.22 5.50
CA CYS C 143 -42.42 36.06 5.55
C CYS C 143 -41.78 36.07 4.18
N LEU C 144 -41.59 37.26 3.60
CA LEU C 144 -40.90 37.36 2.32
C LEU C 144 -39.44 37.60 2.58
N VAL C 145 -38.59 36.69 2.11
CA VAL C 145 -37.17 36.77 2.38
C VAL C 145 -36.44 37.20 1.12
N LYS C 146 -36.23 38.50 0.99
CA LYS C 146 -35.91 39.11 -0.29
C LYS C 146 -34.45 39.52 -0.32
N GLY C 147 -33.82 39.27 -1.46
CA GLY C 147 -32.55 39.83 -1.88
C GLY C 147 -31.31 39.45 -1.10
N TYR C 148 -31.09 38.15 -0.91
CA TYR C 148 -29.96 37.65 -0.17
C TYR C 148 -29.01 36.85 -1.04
N PHE C 149 -27.79 36.71 -0.56
CA PHE C 149 -26.77 35.93 -1.22
C PHE C 149 -25.65 35.65 -0.23
N PRO C 150 -25.11 34.43 -0.18
CA PRO C 150 -25.55 33.27 -0.97
C PRO C 150 -26.58 32.45 -0.22
N GLU C 151 -26.95 31.32 -0.82
CA GLU C 151 -27.65 30.29 -0.07
C GLU C 151 -26.69 29.73 0.99
N PRO C 152 -27.23 29.21 2.09
CA PRO C 152 -28.66 29.12 2.36
C PRO C 152 -29.15 30.13 3.35
N VAL C 153 -30.44 29.96 3.66
CA VAL C 153 -31.17 30.74 4.64
C VAL C 153 -32.10 29.75 5.33
N THR C 154 -32.35 29.94 6.62
CA THR C 154 -33.32 29.09 7.32
C THR C 154 -34.35 29.95 8.03
N VAL C 155 -35.56 29.40 8.17
CA VAL C 155 -36.73 30.11 8.68
C VAL C 155 -37.42 29.23 9.70
N THR C 156 -37.61 29.76 10.90
CA THR C 156 -38.47 29.14 11.90
C THR C 156 -39.58 30.13 12.27
N TRP C 157 -40.56 29.64 13.02
CA TRP C 157 -41.69 30.44 13.46
C TRP C 157 -41.83 30.30 14.97
N ASN C 158 -41.92 31.44 15.66
CA ASN C 158 -41.96 31.47 17.13
C ASN C 158 -40.83 30.65 17.71
N SER C 159 -39.64 30.81 17.15
CA SER C 159 -38.42 30.13 17.58
C SER C 159 -38.55 28.60 17.58
N GLY C 160 -39.46 28.05 16.78
CA GLY C 160 -39.66 26.61 16.68
C GLY C 160 -40.92 26.12 17.34
N SER C 161 -41.51 26.93 18.23
CA SER C 161 -42.77 26.56 18.86
C SER C 161 -43.85 26.25 17.82
N LEU C 162 -43.80 26.90 16.65
CA LEU C 162 -44.78 26.72 15.58
C LEU C 162 -44.20 25.79 14.52
N SER C 163 -44.72 24.55 14.45
CA SER C 163 -44.27 23.56 13.49
C SER C 163 -45.38 23.03 12.61
N SER C 164 -46.64 23.36 12.91
CA SER C 164 -47.78 22.71 12.29
C SER C 164 -47.85 23.05 10.81
N GLY C 165 -48.32 24.25 10.50
CA GLY C 165 -48.64 24.57 9.12
C GLY C 165 -47.58 25.35 8.38
N VAL C 166 -46.33 24.91 8.45
CA VAL C 166 -45.22 25.69 7.93
C VAL C 166 -44.83 25.17 6.56
N HIS C 167 -44.80 26.07 5.57
CA HIS C 167 -44.33 25.77 4.22
C HIS C 167 -43.26 26.77 3.87
N THR C 168 -42.05 26.30 3.61
CA THR C 168 -40.97 27.16 3.16
C THR C 168 -40.62 26.78 1.73
N PHE C 169 -40.78 27.72 0.84
CA PHE C 169 -40.81 27.42 -0.57
C PHE C 169 -39.40 27.50 -1.15
N PRO C 170 -39.18 26.96 -2.35
CA PRO C 170 -37.85 27.07 -2.94
C PRO C 170 -37.55 28.51 -3.36
N ALA C 171 -36.26 28.80 -3.51
CA ALA C 171 -35.79 30.14 -3.82
C ALA C 171 -35.79 30.42 -5.32
N VAL C 172 -35.96 31.69 -5.67
CA VAL C 172 -35.83 32.17 -7.04
C VAL C 172 -34.60 33.05 -7.09
N LEU C 173 -33.91 33.03 -8.23
CA LEU C 173 -32.61 33.69 -8.39
C LEU C 173 -32.73 34.86 -9.37
N GLN C 174 -32.78 36.07 -8.82
CA GLN C 174 -32.97 37.29 -9.60
C GLN C 174 -31.65 38.06 -9.65
N SER C 175 -30.80 37.71 -10.63
CA SER C 175 -29.56 38.43 -10.98
C SER C 175 -28.62 38.55 -9.76
N ASP C 176 -28.12 37.40 -9.35
CA ASP C 176 -27.15 37.25 -8.26
C ASP C 176 -27.74 37.55 -6.89
N LEU C 177 -29.06 37.64 -6.77
CA LEU C 177 -29.73 37.68 -5.46
C LEU C 177 -30.87 36.67 -5.44
N TYR C 178 -31.01 35.99 -4.30
CA TYR C 178 -32.05 34.98 -4.09
C TYR C 178 -33.19 35.59 -3.30
N THR C 179 -34.36 34.96 -3.44
CA THR C 179 -35.57 35.34 -2.75
C THR C 179 -36.32 34.06 -2.48
N LEU C 180 -36.90 33.93 -1.28
CA LEU C 180 -37.84 32.86 -0.99
C LEU C 180 -38.90 33.38 -0.05
N SER C 181 -39.91 32.55 0.18
CA SER C 181 -41.00 32.86 1.10
C SER C 181 -41.26 31.67 2.00
N SER C 182 -41.78 31.96 3.18
CA SER C 182 -42.24 30.95 4.12
C SER C 182 -43.62 31.35 4.60
N SER C 183 -44.49 30.36 4.75
CA SER C 183 -45.85 30.60 5.20
C SER C 183 -46.19 29.65 6.34
N VAL C 184 -47.07 30.11 7.21
CA VAL C 184 -47.56 29.32 8.32
C VAL C 184 -49.05 29.56 8.39
N THR C 185 -49.80 28.49 8.65
CA THR C 185 -51.24 28.56 8.82
C THR C 185 -51.58 28.28 10.27
N VAL C 186 -52.40 29.14 10.86
CA VAL C 186 -52.78 29.03 12.27
C VAL C 186 -54.24 29.35 12.41
N PRO C 187 -54.85 28.96 13.54
CA PRO C 187 -56.27 29.29 13.76
C PRO C 187 -56.49 30.78 13.89
N SER C 188 -57.58 31.27 13.29
CA SER C 188 -57.89 32.69 13.38
C SER C 188 -57.95 33.14 14.82
N SER C 189 -58.27 32.22 15.75
CA SER C 189 -58.32 32.57 17.17
C SER C 189 -56.98 33.06 17.68
N THR C 190 -55.88 32.50 17.18
CA THR C 190 -54.60 32.82 17.78
C THR C 190 -54.01 34.11 17.23
N TRP C 191 -54.42 34.56 16.04
CA TRP C 191 -53.82 35.78 15.50
C TRP C 191 -54.90 36.81 15.19
N PRO C 192 -54.67 38.09 15.51
CA PRO C 192 -53.45 38.75 16.00
C PRO C 192 -53.19 38.70 17.51
N SER C 193 -54.05 38.04 18.28
CA SER C 193 -53.89 38.06 19.73
C SER C 193 -52.57 37.44 20.18
N GLU C 194 -52.16 36.34 19.55
CA GLU C 194 -50.92 35.63 19.89
C GLU C 194 -49.80 36.04 18.94
N THR C 195 -48.63 36.33 19.51
CA THR C 195 -47.48 36.69 18.71
C THR C 195 -47.20 35.65 17.65
N VAL C 196 -47.02 36.09 16.40
CA VAL C 196 -46.57 35.21 15.32
C VAL C 196 -45.36 35.91 14.68
N THR C 197 -44.17 35.40 14.97
CA THR C 197 -42.92 35.98 14.50
C THR C 197 -42.16 34.94 13.68
N CYS C 198 -41.55 35.38 12.59
CA CYS C 198 -40.68 34.51 11.84
C CYS C 198 -39.23 34.90 12.11
N ASN C 199 -38.37 33.91 12.18
CA ASN C 199 -36.97 34.11 12.53
C ASN C 199 -36.14 33.62 11.37
N VAL C 200 -35.42 34.55 10.74
CA VAL C 200 -34.61 34.29 9.55
C VAL C 200 -33.15 34.33 9.97
N ALA C 201 -32.40 33.34 9.54
CA ALA C 201 -30.97 33.28 9.80
C ALA C 201 -30.25 33.19 8.47
N HIS C 202 -29.29 34.08 8.25
CA HIS C 202 -28.44 34.04 7.08
C HIS C 202 -27.00 33.85 7.55
N PRO C 203 -26.54 32.59 7.66
CA PRO C 203 -25.20 32.33 8.19
C PRO C 203 -24.08 33.10 7.49
N ALA C 204 -24.08 33.09 6.15
CA ALA C 204 -22.98 33.68 5.38
C ALA C 204 -22.74 35.15 5.73
N SER C 205 -23.76 35.86 6.20
CA SER C 205 -23.63 37.24 6.60
C SER C 205 -23.74 37.45 8.11
N SER C 206 -23.86 36.38 8.89
CA SER C 206 -24.05 36.49 10.34
C SER C 206 -25.28 37.33 10.64
N THR C 207 -26.35 37.10 9.89
CA THR C 207 -27.61 37.82 10.04
C THR C 207 -28.61 36.94 10.78
N LYS C 208 -29.27 37.52 11.78
CA LYS C 208 -30.45 36.91 12.40
C LYS C 208 -31.45 38.04 12.58
N VAL C 209 -32.62 37.93 11.96
CA VAL C 209 -33.62 38.97 12.01
C VAL C 209 -34.96 38.35 12.36
N ASP C 210 -35.75 39.07 13.12
CA ASP C 210 -37.14 38.70 13.37
C ASP C 210 -38.03 39.78 12.79
N LYS C 211 -39.13 39.35 12.16
CA LYS C 211 -40.18 40.28 11.77
C LYS C 211 -41.48 39.66 12.24
N LYS C 212 -42.16 40.34 13.17
CA LYS C 212 -43.41 39.83 13.69
C LYS C 212 -44.51 40.31 12.76
N ILE C 213 -45.48 39.43 12.50
CA ILE C 213 -46.53 39.69 11.52
C ILE C 213 -47.70 40.38 12.20
N VAL C 214 -48.01 41.58 11.74
CA VAL C 214 -49.11 42.39 12.26
C VAL C 214 -50.01 42.76 11.10
N PRO C 215 -51.32 43.03 11.34
CA PRO C 215 -52.29 43.39 10.29
C PRO C 215 -52.09 44.78 9.69
N GLU D 2 -18.52 4.47 -15.86
CA GLU D 2 -17.84 3.65 -14.85
C GLU D 2 -18.87 2.81 -14.09
N LEU D 3 -19.74 3.48 -13.31
CA LEU D 3 -20.88 2.86 -12.64
C LEU D 3 -22.13 3.51 -13.18
N ILE D 4 -22.94 2.75 -13.91
CA ILE D 4 -24.06 3.29 -14.66
C ILE D 4 -25.35 2.88 -13.97
N GLN D 5 -26.18 3.87 -13.65
CA GLN D 5 -27.55 3.61 -13.21
C GLN D 5 -28.50 4.49 -14.01
N PRO D 6 -29.69 3.98 -14.34
CA PRO D 6 -30.67 4.80 -15.04
C PRO D 6 -31.10 5.98 -14.20
N PRO D 7 -31.23 7.16 -14.79
CA PRO D 7 -31.46 8.38 -14.00
C PRO D 7 -32.80 8.44 -13.30
N SER D 8 -33.79 7.64 -13.68
CA SER D 8 -35.09 7.72 -13.01
C SER D 8 -35.81 6.39 -13.09
N SER D 9 -36.82 6.24 -12.23
CA SER D 9 -37.61 5.03 -12.13
C SER D 9 -38.88 5.37 -11.33
N SER D 10 -39.92 4.53 -11.49
CA SER D 10 -41.21 4.75 -10.84
C SER D 10 -41.70 3.50 -10.11
N VAL D 11 -42.45 3.71 -9.02
CA VAL D 11 -43.28 2.66 -8.41
C VAL D 11 -44.63 3.23 -8.02
N THR D 12 -45.64 2.37 -8.01
CA THR D 12 -46.93 2.72 -7.45
C THR D 12 -47.05 2.14 -6.04
N LEU D 13 -47.73 2.88 -5.16
CA LEU D 13 -47.81 2.53 -3.75
C LEU D 13 -48.27 1.09 -3.54
N GLY D 14 -47.48 0.33 -2.80
CA GLY D 14 -47.76 -1.05 -2.46
C GLY D 14 -47.11 -2.08 -3.36
N SER D 15 -46.51 -1.70 -4.49
CA SER D 15 -45.87 -2.66 -5.38
C SER D 15 -44.36 -2.61 -5.21
N THR D 16 -43.65 -3.31 -6.10
CA THR D 16 -42.20 -3.50 -6.01
C THR D 16 -41.48 -2.95 -7.24
N VAL D 17 -40.40 -2.21 -7.01
CA VAL D 17 -39.45 -1.78 -8.04
C VAL D 17 -38.09 -2.36 -7.71
N SER D 18 -37.29 -2.56 -8.76
CA SER D 18 -35.87 -2.84 -8.64
C SER D 18 -35.08 -1.77 -9.39
N LEU D 19 -34.05 -1.26 -8.72
CA LEU D 19 -33.12 -0.29 -9.28
C LEU D 19 -31.78 -0.97 -9.51
N THR D 20 -31.13 -0.66 -10.64
CA THR D 20 -29.91 -1.34 -11.03
C THR D 20 -28.73 -0.40 -11.04
N CYS D 21 -27.54 -1.01 -11.00
CA CYS D 21 -26.26 -0.33 -11.01
C CYS D 21 -25.24 -1.26 -11.66
N VAL D 22 -24.61 -0.79 -12.74
CA VAL D 22 -23.79 -1.62 -13.62
C VAL D 22 -22.42 -0.99 -13.76
N GLY D 23 -21.38 -1.80 -13.54
CA GLY D 23 -20.01 -1.37 -13.63
C GLY D 23 -19.11 -2.55 -13.96
N ASP D 24 -17.88 -2.24 -14.39
CA ASP D 24 -16.99 -3.29 -14.87
C ASP D 24 -16.49 -4.18 -13.74
N GLU D 25 -16.17 -3.62 -12.59
CA GLU D 25 -15.52 -4.36 -11.53
C GLU D 25 -16.49 -4.95 -10.52
N LEU D 26 -17.79 -4.68 -10.66
CA LEU D 26 -18.75 -5.22 -9.71
C LEU D 26 -18.73 -6.74 -9.59
N PRO D 27 -18.29 -7.52 -10.58
CA PRO D 27 -18.12 -8.95 -10.34
C PRO D 27 -17.09 -9.29 -9.27
N LYS D 28 -16.12 -8.40 -9.02
CA LYS D 28 -15.13 -8.64 -7.96
C LYS D 28 -15.13 -7.56 -6.87
N ARG D 29 -15.99 -6.55 -6.95
CA ARG D 29 -16.06 -5.47 -5.95
C ARG D 29 -17.48 -5.36 -5.44
N TYR D 30 -17.63 -5.16 -4.12
CA TYR D 30 -18.96 -5.00 -3.52
C TYR D 30 -19.57 -3.66 -3.89
N ALA D 31 -20.91 -3.60 -3.85
CA ALA D 31 -21.66 -2.38 -4.08
C ALA D 31 -22.41 -1.98 -2.83
N TYR D 32 -22.51 -0.68 -2.59
CA TYR D 32 -23.23 -0.12 -1.47
C TYR D 32 -24.31 0.81 -2.00
N TRP D 33 -25.45 0.90 -1.30
CA TRP D 33 -26.60 1.67 -1.77
C TRP D 33 -27.00 2.74 -0.76
N TYR D 34 -27.16 3.96 -1.25
CA TYR D 34 -27.52 5.09 -0.41
C TYR D 34 -28.83 5.68 -0.90
N GLN D 35 -29.70 6.03 0.04
CA GLN D 35 -30.94 6.73 -0.21
C GLN D 35 -30.76 8.17 0.23
N GLN D 36 -31.03 9.13 -0.67
CA GLN D 36 -30.90 10.54 -0.35
C GLN D 36 -32.24 11.21 -0.56
N LYS D 37 -32.75 11.84 0.50
CA LYS D 37 -34.05 12.49 0.45
C LYS D 37 -33.88 13.96 0.07
N PRO D 38 -34.97 14.67 -0.25
CA PRO D 38 -34.84 16.07 -0.70
C PRO D 38 -34.06 16.98 0.23
N ASP D 39 -34.24 16.85 1.55
CA ASP D 39 -33.39 17.62 2.46
C ASP D 39 -31.92 17.21 2.41
N GLN D 40 -31.54 16.27 1.54
CA GLN D 40 -30.17 15.89 1.21
C GLN D 40 -29.47 15.09 2.30
N SER D 41 -30.18 14.62 3.32
CA SER D 41 -29.61 13.68 4.29
C SER D 41 -29.51 12.30 3.66
N ILE D 42 -28.52 11.52 4.10
CA ILE D 42 -28.12 10.30 3.40
C ILE D 42 -28.17 9.11 4.34
N VAL D 43 -28.80 8.03 3.90
CA VAL D 43 -28.97 6.80 4.68
C VAL D 43 -28.47 5.63 3.86
N ARG D 44 -27.58 4.82 4.45
CA ARG D 44 -27.11 3.61 3.80
C ARG D 44 -28.14 2.50 4.01
N VAL D 45 -28.71 1.97 2.93
CA VAL D 45 -29.78 0.99 3.04
C VAL D 45 -29.35 -0.44 2.74
N ILE D 46 -28.32 -0.65 1.91
CA ILE D 46 -27.82 -1.98 1.62
C ILE D 46 -26.31 -1.90 1.55
N TYR D 47 -25.63 -2.87 2.16
CA TYR D 47 -24.19 -2.91 2.08
C TYR D 47 -23.75 -4.32 1.69
N GLU D 48 -22.59 -4.37 1.02
CA GLU D 48 -21.98 -5.63 0.60
C GLU D 48 -22.93 -6.43 -0.30
N ASP D 49 -23.41 -5.76 -1.36
CA ASP D 49 -24.38 -6.27 -2.33
C ASP D 49 -25.77 -6.54 -1.76
N SER D 50 -25.87 -7.28 -0.64
CA SER D 50 -27.17 -7.81 -0.22
C SER D 50 -27.48 -7.73 1.26
N LYS D 51 -26.58 -7.20 2.08
CA LYS D 51 -26.82 -7.11 3.52
C LYS D 51 -27.52 -5.80 3.83
N ARG D 52 -28.43 -5.83 4.79
CA ARG D 52 -29.18 -4.64 5.10
C ARG D 52 -29.02 -4.30 6.57
N PRO D 53 -28.74 -3.05 6.91
CA PRO D 53 -28.42 -2.71 8.29
C PRO D 53 -29.64 -2.71 9.17
N SER D 54 -29.38 -2.87 10.47
CA SER D 54 -30.44 -2.81 11.46
C SER D 54 -31.15 -1.47 11.38
N GLY D 55 -32.47 -1.50 11.50
CA GLY D 55 -33.25 -0.29 11.45
C GLY D 55 -33.68 0.12 10.06
N ILE D 56 -33.22 -0.56 9.02
CA ILE D 56 -33.75 -0.35 7.68
C ILE D 56 -34.86 -1.37 7.46
N SER D 57 -35.99 -0.90 6.94
CA SER D 57 -37.13 -1.78 6.72
C SER D 57 -36.75 -2.98 5.86
N ASP D 58 -37.28 -4.15 6.24
CA ASP D 58 -37.05 -5.39 5.49
C ASP D 58 -37.72 -5.39 4.13
N ARG D 59 -38.37 -4.31 3.74
CA ARG D 59 -38.84 -4.19 2.38
C ARG D 59 -37.68 -3.89 1.44
N PHE D 60 -36.56 -3.43 1.96
CA PHE D 60 -35.39 -3.21 1.14
C PHE D 60 -34.53 -4.47 1.06
N SER D 61 -34.13 -4.83 -0.15
CA SER D 61 -33.21 -5.94 -0.36
C SER D 61 -32.37 -5.65 -1.59
N GLY D 62 -31.28 -6.40 -1.75
CA GLY D 62 -30.37 -6.19 -2.86
C GLY D 62 -29.73 -7.49 -3.24
N SER D 63 -29.16 -7.52 -4.44
CA SER D 63 -28.48 -8.71 -4.97
C SER D 63 -27.57 -8.31 -6.12
N SER D 64 -26.68 -9.23 -6.49
CA SER D 64 -25.69 -8.97 -7.50
C SER D 64 -25.46 -10.22 -8.34
N SER D 65 -25.23 -10.01 -9.62
CA SER D 65 -24.77 -11.05 -10.52
C SER D 65 -23.98 -10.39 -11.62
N GLY D 66 -22.83 -10.98 -11.96
CA GLY D 66 -21.97 -10.42 -12.98
C GLY D 66 -21.73 -8.96 -12.69
N THR D 67 -22.13 -8.11 -13.62
CA THR D 67 -21.81 -6.70 -13.56
C THR D 67 -22.96 -5.82 -13.09
N THR D 68 -24.09 -6.40 -12.70
CA THR D 68 -25.24 -5.60 -12.27
C THR D 68 -25.53 -5.83 -10.78
N ALA D 69 -25.53 -4.73 -10.03
CA ALA D 69 -26.04 -4.70 -8.66
C ALA D 69 -27.49 -4.20 -8.68
N THR D 70 -28.34 -4.87 -7.91
CA THR D 70 -29.75 -4.51 -7.91
C THR D 70 -30.22 -4.28 -6.49
N LEU D 71 -31.06 -3.26 -6.36
CA LEU D 71 -31.74 -2.89 -5.13
C LEU D 71 -33.23 -3.08 -5.38
N THR D 72 -33.92 -3.69 -4.43
CA THR D 72 -35.32 -4.03 -4.61
C THR D 72 -36.13 -3.52 -3.43
N ILE D 73 -37.11 -2.66 -3.71
CA ILE D 73 -37.99 -2.13 -2.69
C ILE D 73 -39.34 -2.81 -2.84
N ARG D 74 -39.85 -3.37 -1.74
CA ARG D 74 -41.10 -4.12 -1.73
C ARG D 74 -42.16 -3.27 -1.04
N ASP D 75 -43.42 -3.44 -1.46
CA ASP D 75 -44.58 -2.76 -0.85
C ASP D 75 -44.28 -1.27 -0.70
N ALA D 76 -43.96 -0.64 -1.83
CA ALA D 76 -43.48 0.74 -1.87
C ALA D 76 -44.35 1.67 -1.03
N GLN D 77 -43.70 2.48 -0.19
CA GLN D 77 -44.34 3.48 0.67
C GLN D 77 -44.02 4.88 0.15
N ALA D 78 -44.75 5.87 0.67
CA ALA D 78 -44.53 7.25 0.24
C ALA D 78 -43.10 7.72 0.54
N GLU D 79 -42.57 7.32 1.67
CA GLU D 79 -41.25 7.73 2.11
C GLU D 79 -40.12 7.00 1.39
N ASP D 80 -40.43 6.21 0.35
CA ASP D 80 -39.38 5.67 -0.51
C ASP D 80 -39.05 6.58 -1.69
N GLU D 81 -39.79 7.69 -1.87
CA GLU D 81 -39.40 8.67 -2.88
C GLU D 81 -38.10 9.32 -2.44
N ALA D 82 -37.05 9.11 -3.24
CA ALA D 82 -35.69 9.55 -2.92
C ALA D 82 -34.82 9.33 -4.14
N ASP D 83 -33.60 9.87 -4.10
CA ASP D 83 -32.56 9.51 -5.07
C ASP D 83 -31.72 8.39 -4.49
N TYR D 84 -31.56 7.32 -5.27
CA TYR D 84 -30.78 6.18 -4.83
C TYR D 84 -29.44 6.16 -5.57
N TYR D 85 -28.34 6.19 -4.79
CA TYR D 85 -26.99 6.21 -5.32
C TYR D 85 -26.28 4.91 -4.99
N CYS D 86 -25.46 4.48 -5.94
CA CYS D 86 -24.66 3.27 -5.88
C CYS D 86 -23.20 3.63 -5.66
N LEU D 87 -22.50 2.85 -4.84
CA LEU D 87 -21.11 3.12 -4.47
C LEU D 87 -20.30 1.85 -4.55
N SER D 88 -19.10 1.94 -5.11
CA SER D 88 -18.17 0.81 -5.08
C SER D 88 -16.75 1.33 -5.22
N THR D 89 -15.82 0.44 -5.56
CA THR D 89 -14.40 0.75 -5.65
C THR D 89 -13.88 0.37 -7.02
N TYR D 90 -12.82 1.05 -7.48
CA TYR D 90 -12.41 0.81 -8.87
C TYR D 90 -10.93 0.55 -9.17
N SER D 91 -10.04 1.55 -9.01
CA SER D 91 -8.70 1.39 -9.58
C SER D 91 -7.87 0.36 -8.79
N ASP D 92 -6.63 0.18 -9.23
CA ASP D 92 -5.69 -0.67 -8.50
C ASP D 92 -5.56 -0.21 -7.05
N ASP D 93 -5.76 1.08 -6.81
CA ASP D 93 -5.72 1.62 -5.46
C ASP D 93 -7.07 1.50 -4.74
N LYS D 94 -8.04 0.84 -5.36
CA LYS D 94 -9.29 0.49 -4.70
C LYS D 94 -9.96 1.74 -4.11
N LEU D 95 -10.08 2.76 -4.94
CA LEU D 95 -10.68 4.00 -4.50
C LEU D 95 -12.17 3.97 -4.80
N PRO D 96 -12.98 4.79 -4.13
CA PRO D 96 -14.44 4.72 -4.28
C PRO D 96 -14.97 5.55 -5.45
N ILE D 97 -16.13 5.13 -5.97
CA ILE D 97 -16.86 5.92 -6.96
C ILE D 97 -18.36 5.71 -6.81
N PHE D 98 -19.12 6.79 -7.01
CA PHE D 98 -20.58 6.74 -6.98
C PHE D 98 -21.16 6.68 -8.39
N GLY D 99 -22.23 5.90 -8.55
CA GLY D 99 -23.04 5.98 -9.75
C GLY D 99 -23.74 7.32 -9.84
N GLY D 100 -24.45 7.53 -10.96
CA GLY D 100 -25.07 8.82 -11.17
C GLY D 100 -26.33 9.04 -10.39
N GLY D 101 -26.86 7.99 -9.77
CA GLY D 101 -28.10 8.18 -9.06
C GLY D 101 -29.32 7.89 -9.91
N THR D 102 -30.33 7.31 -9.26
CA THR D 102 -31.66 7.10 -9.82
C THR D 102 -32.64 7.91 -8.97
N LYS D 103 -33.36 8.84 -9.60
CA LYS D 103 -34.46 9.51 -8.92
C LYS D 103 -35.70 8.62 -9.00
N LEU D 104 -36.20 8.17 -7.85
CA LEU D 104 -37.33 7.25 -7.76
C LEU D 104 -38.54 8.01 -7.27
N THR D 105 -39.63 7.98 -8.04
CA THR D 105 -40.87 8.66 -7.66
C THR D 105 -41.93 7.62 -7.29
N VAL D 106 -42.62 7.83 -6.16
CA VAL D 106 -43.66 6.94 -5.68
C VAL D 106 -45.01 7.51 -6.11
N LEU D 107 -45.72 6.78 -6.96
CA LEU D 107 -46.99 7.17 -7.55
C LEU D 107 -48.19 6.56 -6.80
N GLY D 108 -49.37 7.10 -7.12
CA GLY D 108 -50.63 6.55 -6.66
C GLY D 108 -51.33 7.29 -5.54
N GLN D 109 -50.86 8.45 -5.20
CA GLN D 109 -51.62 9.17 -4.22
C GLN D 109 -52.76 9.89 -4.94
N PRO D 110 -53.87 10.15 -4.26
CA PRO D 110 -55.03 10.73 -4.93
C PRO D 110 -54.68 12.07 -5.53
N LYS D 111 -55.19 12.31 -6.73
CA LYS D 111 -55.07 13.62 -7.33
C LYS D 111 -55.76 14.64 -6.44
N SER D 112 -55.20 15.85 -6.37
CA SER D 112 -55.74 16.85 -5.45
C SER D 112 -55.51 18.26 -6.01
N SER D 113 -56.58 19.05 -5.98
CA SER D 113 -56.47 20.39 -6.51
C SER D 113 -55.72 21.29 -5.51
N PRO D 114 -55.07 22.34 -6.02
CA PRO D 114 -54.18 23.13 -5.17
C PRO D 114 -54.93 24.15 -4.33
N SER D 115 -54.25 24.60 -3.29
CA SER D 115 -54.70 25.70 -2.44
C SER D 115 -53.82 26.90 -2.69
N VAL D 116 -54.41 27.98 -3.21
CA VAL D 116 -53.63 29.15 -3.61
C VAL D 116 -53.98 30.33 -2.71
N THR D 117 -52.96 31.07 -2.29
CA THR D 117 -53.08 32.25 -1.46
C THR D 117 -52.24 33.38 -2.04
N LEU D 118 -52.81 34.58 -2.06
CA LEU D 118 -52.19 35.73 -2.71
C LEU D 118 -51.97 36.85 -1.71
N PHE D 119 -50.67 37.27 -1.54
CA PHE D 119 -50.40 38.33 -0.59
C PHE D 119 -50.05 39.65 -1.28
N PRO D 120 -50.49 40.78 -0.74
CA PRO D 120 -50.10 42.09 -1.29
C PRO D 120 -48.70 42.47 -0.87
N PRO D 121 -48.17 43.58 -1.38
CA PRO D 121 -46.88 44.06 -0.88
C PRO D 121 -47.03 44.65 0.50
N SER D 122 -46.00 44.47 1.31
CA SER D 122 -45.95 45.09 2.62
C SER D 122 -45.59 46.57 2.49
N SER D 123 -46.04 47.36 3.47
CA SER D 123 -45.67 48.77 3.48
C SER D 123 -44.17 48.94 3.62
N GLU D 124 -43.52 48.08 4.42
CA GLU D 124 -42.08 48.16 4.53
C GLU D 124 -41.42 48.02 3.17
N GLU D 125 -41.90 47.08 2.35
CA GLU D 125 -41.25 46.87 1.05
C GLU D 125 -41.50 48.04 0.12
N LEU D 126 -42.68 48.63 0.18
CA LEU D 126 -42.98 49.73 -0.73
C LEU D 126 -42.01 50.89 -0.57
N GLU D 127 -41.55 51.17 0.67
CA GLU D 127 -40.62 52.28 0.85
C GLU D 127 -39.36 52.10 0.04
N THR D 128 -39.03 50.88 -0.37
CA THR D 128 -37.89 50.67 -1.23
C THR D 128 -38.21 50.89 -2.71
N ASN D 129 -39.38 51.45 -3.01
CA ASN D 129 -39.84 51.71 -4.38
C ASN D 129 -40.09 50.44 -5.17
N LYS D 130 -40.30 49.32 -4.50
CA LYS D 130 -40.67 48.09 -5.17
C LYS D 130 -41.77 47.39 -4.41
N ALA D 131 -42.45 46.50 -5.12
CA ALA D 131 -43.64 45.84 -4.60
C ALA D 131 -43.66 44.42 -5.16
N THR D 132 -43.71 43.44 -4.27
CA THR D 132 -43.76 42.04 -4.64
C THR D 132 -45.07 41.47 -4.12
N LEU D 133 -45.87 40.89 -5.02
CA LEU D 133 -46.99 40.04 -4.64
C LEU D 133 -46.54 38.60 -4.72
N VAL D 134 -46.90 37.80 -3.72
CA VAL D 134 -46.49 36.40 -3.69
C VAL D 134 -47.75 35.55 -3.70
N CYS D 135 -47.71 34.49 -4.50
CA CYS D 135 -48.86 33.63 -4.73
C CYS D 135 -48.42 32.22 -4.32
N THR D 136 -48.88 31.75 -3.14
CA THR D 136 -48.48 30.45 -2.62
C THR D 136 -49.45 29.37 -3.09
N ILE D 137 -48.92 28.21 -3.44
CA ILE D 137 -49.68 27.11 -4.01
C ILE D 137 -49.27 25.85 -3.26
N THR D 138 -50.21 25.23 -2.55
CA THR D 138 -49.90 24.09 -1.70
C THR D 138 -50.91 22.96 -1.89
N ASP D 139 -50.56 21.77 -1.38
CA ASP D 139 -51.48 20.64 -1.28
C ASP D 139 -52.03 20.23 -2.62
N PHE D 140 -51.17 20.12 -3.62
CA PHE D 140 -51.65 19.66 -4.92
C PHE D 140 -50.88 18.43 -5.37
N TYR D 141 -51.55 17.62 -6.20
CA TYR D 141 -50.93 16.45 -6.80
C TYR D 141 -51.69 16.08 -8.06
N PRO D 142 -50.99 15.72 -9.15
CA PRO D 142 -49.53 15.71 -9.33
C PRO D 142 -48.90 17.12 -9.30
N GLY D 143 -47.56 17.17 -9.32
CA GLY D 143 -46.83 18.41 -9.14
C GLY D 143 -46.48 19.20 -10.39
N VAL D 144 -47.42 19.37 -11.28
CA VAL D 144 -47.18 20.23 -12.44
C VAL D 144 -48.32 21.21 -12.52
N VAL D 145 -47.97 22.49 -12.60
CA VAL D 145 -48.93 23.56 -12.47
C VAL D 145 -48.44 24.71 -13.34
N THR D 146 -49.37 25.52 -13.82
CA THR D 146 -49.02 26.68 -14.64
C THR D 146 -49.74 27.90 -14.07
N VAL D 147 -49.00 29.00 -13.95
CA VAL D 147 -49.47 30.19 -13.24
C VAL D 147 -49.56 31.35 -14.21
N ASP D 148 -50.72 32.01 -14.23
CA ASP D 148 -50.96 33.16 -15.08
C ASP D 148 -51.41 34.33 -14.21
N TRP D 149 -50.79 35.49 -14.41
CA TRP D 149 -51.14 36.69 -13.65
C TRP D 149 -51.92 37.68 -14.52
N LYS D 150 -52.91 38.33 -13.92
CA LYS D 150 -53.64 39.41 -14.54
C LYS D 150 -53.65 40.60 -13.59
N VAL D 151 -53.42 41.79 -14.14
CA VAL D 151 -53.51 43.04 -13.40
C VAL D 151 -54.43 43.97 -14.18
N ASP D 152 -55.53 44.38 -13.55
CA ASP D 152 -56.56 45.18 -14.21
C ASP D 152 -57.02 44.53 -15.53
N GLY D 153 -57.10 43.22 -15.52
CA GLY D 153 -57.55 42.50 -16.69
C GLY D 153 -56.51 42.25 -17.77
N THR D 154 -55.25 42.64 -17.56
CA THR D 154 -54.31 42.46 -18.65
C THR D 154 -53.37 41.32 -18.33
N PRO D 155 -53.19 40.36 -19.24
CA PRO D 155 -52.18 39.32 -19.02
C PRO D 155 -50.85 39.98 -18.68
N VAL D 156 -50.09 39.32 -17.83
CA VAL D 156 -48.79 39.81 -17.42
C VAL D 156 -47.79 38.98 -18.20
N THR D 157 -46.95 39.65 -18.98
CA THR D 157 -45.89 38.98 -19.72
C THR D 157 -44.51 39.19 -19.12
N GLN D 158 -44.36 40.19 -18.24
CA GLN D 158 -43.08 40.68 -17.75
C GLN D 158 -43.02 40.65 -16.23
N GLY D 159 -41.91 40.16 -15.67
CA GLY D 159 -41.67 40.29 -14.24
C GLY D 159 -42.31 39.29 -13.32
N MET D 160 -42.71 38.14 -13.85
CA MET D 160 -43.25 37.03 -13.05
C MET D 160 -42.23 35.91 -12.96
N GLU D 161 -42.11 35.32 -11.78
CA GLU D 161 -41.30 34.13 -11.62
C GLU D 161 -42.03 33.11 -10.76
N THR D 162 -41.96 31.83 -11.15
CA THR D 162 -42.59 30.76 -10.37
C THR D 162 -41.64 29.58 -10.19
N THR D 163 -41.57 29.07 -8.96
CA THR D 163 -40.59 28.07 -8.56
C THR D 163 -40.95 26.70 -9.12
N GLN D 164 -39.99 25.84 -9.12
CA GLN D 164 -40.35 24.49 -9.47
C GLN D 164 -41.05 23.84 -8.28
N PRO D 165 -42.03 22.99 -8.54
CA PRO D 165 -42.75 22.32 -7.44
C PRO D 165 -41.82 21.46 -6.61
N SER D 166 -42.03 21.47 -5.29
CA SER D 166 -41.26 20.63 -4.38
C SER D 166 -42.22 19.98 -3.39
N LYS D 167 -41.71 19.00 -2.66
CA LYS D 167 -42.56 18.13 -1.87
C LYS D 167 -42.85 18.72 -0.49
N GLN D 168 -44.10 18.63 -0.09
CA GLN D 168 -44.49 19.05 1.24
C GLN D 168 -44.26 17.88 2.19
N SER D 169 -44.42 18.18 3.48
CA SER D 169 -44.26 17.13 4.48
C SER D 169 -45.24 15.98 4.25
N ASN D 170 -46.45 16.30 3.79
CA ASN D 170 -47.49 15.29 3.58
C ASN D 170 -47.40 14.64 2.21
N ASN D 171 -46.28 14.79 1.52
CA ASN D 171 -45.99 14.20 0.22
C ASN D 171 -46.88 14.72 -0.91
N LYS D 172 -47.68 15.75 -0.67
CA LYS D 172 -48.27 16.52 -1.76
C LYS D 172 -47.26 17.55 -2.27
N TYR D 173 -47.62 18.31 -3.29
CA TYR D 173 -46.68 19.24 -3.89
C TYR D 173 -47.01 20.69 -3.52
N MET D 174 -45.97 21.55 -3.53
CA MET D 174 -46.14 22.98 -3.27
C MET D 174 -45.25 23.78 -4.21
N ALA D 175 -45.62 25.05 -4.39
CA ALA D 175 -44.84 26.01 -5.18
C ALA D 175 -45.32 27.42 -4.87
N SER D 176 -44.52 28.40 -5.31
CA SER D 176 -44.83 29.79 -5.06
C SER D 176 -44.53 30.60 -6.30
N SER D 177 -45.29 31.67 -6.49
CA SER D 177 -45.15 32.52 -7.66
C SER D 177 -45.04 33.97 -7.23
N TYR D 178 -44.11 34.71 -7.84
CA TYR D 178 -43.85 36.10 -7.49
C TYR D 178 -44.17 37.01 -8.66
N LEU D 179 -44.86 38.10 -8.37
CA LEU D 179 -45.04 39.20 -9.31
C LEU D 179 -44.34 40.43 -8.75
N THR D 180 -43.33 40.91 -9.46
CA THR D 180 -42.49 42.01 -8.98
C THR D 180 -42.84 43.27 -9.76
N LEU D 181 -43.07 44.35 -9.03
CA LEU D 181 -43.54 45.60 -9.60
C LEU D 181 -42.75 46.72 -8.95
N THR D 182 -42.56 47.81 -9.68
CA THR D 182 -42.10 49.03 -9.04
C THR D 182 -43.22 49.55 -8.15
N ALA D 183 -42.85 50.30 -7.12
CA ALA D 183 -43.88 50.82 -6.22
C ALA D 183 -44.83 51.76 -6.95
N ARG D 184 -44.29 52.53 -7.90
CA ARG D 184 -45.14 53.39 -8.71
C ARG D 184 -46.15 52.56 -9.49
N ALA D 185 -45.71 51.45 -10.10
CA ALA D 185 -46.61 50.58 -10.84
C ALA D 185 -47.67 49.95 -9.95
N TRP D 186 -47.36 49.75 -8.68
CA TRP D 186 -48.35 49.16 -7.78
C TRP D 186 -49.52 50.11 -7.52
N GLU D 187 -49.28 51.42 -7.49
CA GLU D 187 -50.36 52.36 -7.20
C GLU D 187 -51.10 52.81 -8.44
N ARG D 188 -50.67 52.36 -9.62
CA ARG D 188 -51.29 52.70 -10.90
C ARG D 188 -52.44 51.75 -11.27
N HIS D 189 -52.52 50.58 -10.64
CA HIS D 189 -53.54 49.57 -10.94
C HIS D 189 -54.22 49.13 -9.64
N SER D 190 -55.44 48.59 -9.77
CA SER D 190 -56.24 48.26 -8.59
C SER D 190 -56.48 46.77 -8.38
N SER D 191 -56.75 45.99 -9.43
CA SER D 191 -57.16 44.59 -9.27
C SER D 191 -56.06 43.66 -9.73
N TYR D 192 -55.72 42.68 -8.87
CA TYR D 192 -54.62 41.74 -9.09
C TYR D 192 -55.12 40.31 -8.91
N SER D 193 -54.77 39.43 -9.84
CA SER D 193 -55.29 38.07 -9.82
C SER D 193 -54.18 37.11 -10.16
N CYS D 194 -54.09 36.05 -9.38
CA CYS D 194 -53.17 34.94 -9.60
C CYS D 194 -54.00 33.73 -10.03
N GLN D 195 -53.77 33.24 -11.25
CA GLN D 195 -54.57 32.16 -11.81
C GLN D 195 -53.67 30.95 -11.95
N VAL D 196 -53.96 29.92 -11.15
CA VAL D 196 -53.21 28.67 -11.16
C VAL D 196 -54.04 27.62 -11.87
N THR D 197 -53.42 26.92 -12.81
CA THR D 197 -54.06 25.84 -13.54
C THR D 197 -53.38 24.52 -13.20
N HIS D 198 -54.19 23.57 -12.74
CA HIS D 198 -53.73 22.24 -12.34
C HIS D 198 -54.53 21.23 -13.14
N GLU D 199 -53.82 20.32 -13.81
CA GLU D 199 -54.46 19.42 -14.76
C GLU D 199 -55.34 20.22 -15.71
N GLY D 200 -56.64 20.11 -15.56
CA GLY D 200 -57.55 20.88 -16.39
C GLY D 200 -58.27 22.03 -15.72
N HIS D 201 -58.16 22.13 -14.40
CA HIS D 201 -58.93 23.08 -13.61
C HIS D 201 -58.09 24.25 -13.10
N THR D 202 -58.71 25.43 -13.08
CA THR D 202 -58.07 26.66 -12.64
C THR D 202 -58.63 27.08 -11.28
N VAL D 203 -57.74 27.39 -10.34
CA VAL D 203 -58.07 28.01 -9.07
C VAL D 203 -57.43 29.40 -9.06
N GLU D 204 -58.21 30.43 -8.74
CA GLU D 204 -57.77 31.81 -8.79
C GLU D 204 -58.00 32.48 -7.45
N LYS D 205 -57.02 33.28 -7.02
CA LYS D 205 -57.20 34.21 -5.92
C LYS D 205 -56.91 35.60 -6.45
N SER D 206 -57.77 36.55 -6.10
CA SER D 206 -57.62 37.91 -6.56
C SER D 206 -57.61 38.85 -5.36
N LEU D 207 -57.11 40.04 -5.58
CA LEU D 207 -57.14 41.03 -4.51
C LEU D 207 -57.16 42.42 -5.14
N SER D 208 -57.71 43.39 -4.40
CA SER D 208 -57.68 44.79 -4.82
C SER D 208 -56.92 45.62 -3.79
N ARG D 209 -56.47 46.78 -4.24
CA ARG D 209 -55.78 47.72 -3.37
C ARG D 209 -56.74 48.71 -2.71
N GLY E 1 -19.00 6.95 39.68
CA GLY E 1 -19.43 5.72 40.32
C GLY E 1 -19.04 4.55 39.45
N VAL E 2 -18.17 4.82 38.48
CA VAL E 2 -17.82 3.87 37.43
C VAL E 2 -16.46 3.23 37.72
N TRP E 3 -16.33 1.95 37.36
CA TRP E 3 -15.03 1.29 37.39
C TRP E 3 -15.02 0.25 36.29
N GLU E 4 -13.82 -0.20 35.93
CA GLU E 4 -13.71 -1.28 34.97
C GLU E 4 -12.46 -2.09 35.25
N GLU E 5 -12.57 -3.42 35.11
CA GLU E 5 -11.41 -4.29 35.24
C GLU E 5 -10.77 -4.56 33.88
N LEU E 6 -9.43 -4.50 33.83
CA LEU E 6 -8.64 -4.73 32.62
C LEU E 6 -8.07 -6.15 32.63
N PHE E 7 -8.09 -6.80 31.48
CA PHE E 7 -7.50 -8.13 31.33
C PHE E 7 -6.63 -8.10 30.08
N ASN E 8 -5.38 -8.58 30.19
CA ASN E 8 -4.52 -8.56 29.01
C ASN E 8 -3.82 -9.88 28.70
N VAL E 9 -4.14 -10.96 29.41
CA VAL E 9 -3.64 -12.29 29.06
C VAL E 9 -4.83 -13.24 29.00
N GLY E 10 -4.88 -14.05 27.96
CA GLY E 10 -6.12 -14.74 27.67
C GLY E 10 -6.33 -16.18 28.09
N ASP E 11 -6.73 -16.48 29.32
CA ASP E 11 -7.63 -17.63 29.38
C ASP E 11 -8.92 -17.23 30.06
N ASP E 12 -9.20 -17.73 31.26
CA ASP E 12 -10.51 -17.48 31.83
C ASP E 12 -10.57 -16.08 32.42
N VAL E 13 -11.76 -15.48 32.31
CA VAL E 13 -12.08 -14.13 32.74
C VAL E 13 -13.42 -14.19 33.46
N TYR E 14 -13.42 -13.98 34.78
CA TYR E 14 -14.61 -14.02 35.60
C TYR E 14 -15.14 -12.62 35.84
N ALA E 15 -16.47 -12.49 35.88
CA ALA E 15 -17.06 -11.18 36.06
C ALA E 15 -18.42 -11.32 36.71
N LEU E 16 -18.77 -10.33 37.52
CA LEU E 16 -20.12 -10.25 38.06
C LEU E 16 -21.04 -9.53 37.09
N PRO E 17 -22.33 -9.82 37.12
CA PRO E 17 -23.26 -9.09 36.26
C PRO E 17 -23.24 -7.60 36.56
N GLY E 18 -23.43 -6.81 35.52
CA GLY E 18 -23.40 -5.37 35.61
C GLY E 18 -22.02 -4.75 35.51
N SER E 19 -20.97 -5.51 35.75
CA SER E 19 -19.61 -4.96 35.71
C SER E 19 -19.20 -4.59 34.28
N ASP E 20 -18.17 -3.74 34.17
CA ASP E 20 -17.61 -3.28 32.91
C ASP E 20 -16.16 -3.75 32.81
N ILE E 21 -15.78 -4.27 31.64
CA ILE E 21 -14.54 -5.01 31.46
C ILE E 21 -13.88 -4.64 30.14
N ASN E 22 -12.56 -4.53 30.16
CA ASN E 22 -11.76 -4.35 28.95
C ASN E 22 -10.94 -5.61 28.71
N LEU E 23 -11.02 -6.16 27.52
CA LEU E 23 -10.08 -7.20 27.10
C LEU E 23 -9.08 -6.54 26.19
N THR E 24 -7.80 -6.69 26.48
CA THR E 24 -6.76 -6.04 25.69
C THR E 24 -5.74 -7.07 25.24
N CYS E 25 -5.35 -6.91 23.99
CA CYS E 25 -4.52 -7.81 23.23
C CYS E 25 -3.37 -6.98 22.71
N GLN E 26 -2.18 -7.57 22.49
CA GLN E 26 -1.03 -6.73 22.12
C GLN E 26 -0.14 -7.34 21.04
N THR E 27 0.22 -6.55 20.03
CA THR E 27 0.95 -7.11 18.89
C THR E 27 2.33 -7.55 19.30
N LYS E 28 2.82 -8.57 18.61
CA LYS E 28 4.17 -9.03 18.87
C LYS E 28 5.17 -7.95 18.44
N GLU E 29 6.28 -7.86 19.17
CA GLU E 29 7.27 -6.84 18.87
C GLU E 29 7.94 -7.14 17.53
N LYS E 30 8.30 -6.09 16.82
CA LYS E 30 9.11 -6.15 15.62
C LYS E 30 8.35 -6.73 14.44
N ASN E 31 7.02 -6.75 14.48
CA ASN E 31 6.20 -7.13 13.35
C ASN E 31 5.44 -5.92 12.82
N PHE E 32 5.24 -5.88 11.51
CA PHE E 32 4.32 -4.93 10.94
C PHE E 32 2.90 -5.38 11.26
N LEU E 33 2.07 -4.47 11.75
CA LEU E 33 0.65 -4.76 11.91
C LEU E 33 -0.02 -4.74 10.54
N VAL E 34 -0.61 -5.85 10.13
CA VAL E 34 -1.25 -5.97 8.84
C VAL E 34 -2.75 -5.76 8.94
N GLN E 35 -3.38 -6.36 9.94
CA GLN E 35 -4.81 -6.21 10.21
C GLN E 35 -5.08 -6.82 11.58
N MET E 36 -6.22 -6.48 12.18
CA MET E 36 -6.61 -7.18 13.39
C MET E 36 -8.12 -7.18 13.54
N GLN E 37 -8.63 -8.07 14.39
CA GLN E 37 -10.07 -8.20 14.50
C GLN E 37 -10.44 -8.84 15.82
N TRP E 38 -11.70 -8.63 16.24
CA TRP E 38 -12.31 -9.26 17.40
C TRP E 38 -13.55 -10.04 16.99
N SER E 39 -13.73 -11.22 17.59
CA SER E 39 -14.89 -12.04 17.29
C SER E 39 -15.42 -12.64 18.57
N LYS E 40 -16.72 -12.84 18.63
CA LYS E 40 -17.33 -13.72 19.61
C LYS E 40 -17.64 -15.05 18.92
N VAL E 41 -17.09 -16.12 19.45
CA VAL E 41 -17.27 -17.43 18.83
C VAL E 41 -18.23 -18.18 19.74
N THR E 42 -19.42 -18.45 19.23
CA THR E 42 -20.41 -19.23 19.94
C THR E 42 -20.75 -20.43 19.06
N ASP E 43 -22.00 -20.50 18.59
CA ASP E 43 -22.32 -21.49 17.56
C ASP E 43 -21.71 -21.08 16.22
N LYS E 44 -21.66 -19.78 15.96
CA LYS E 44 -21.04 -19.24 14.77
C LYS E 44 -19.92 -18.30 15.18
N ASN E 45 -18.95 -18.14 14.28
CA ASN E 45 -17.86 -17.21 14.47
C ASN E 45 -18.40 -15.85 14.04
N ASP E 46 -18.73 -15.02 15.02
CA ASP E 46 -19.39 -13.76 14.76
C ASP E 46 -18.35 -12.67 14.96
N MET E 47 -17.97 -12.02 13.87
CA MET E 47 -17.01 -10.96 13.94
C MET E 47 -17.63 -9.70 14.53
N ILE E 48 -16.91 -9.06 15.46
CA ILE E 48 -17.37 -7.83 16.10
C ILE E 48 -16.85 -6.62 15.36
N ALA E 49 -15.54 -6.54 15.22
CA ALA E 49 -14.96 -5.44 14.50
C ALA E 49 -13.66 -5.89 13.89
N LEU E 50 -13.25 -5.13 12.88
CA LEU E 50 -12.04 -5.34 12.13
C LEU E 50 -11.36 -3.99 12.04
N TYR E 51 -10.04 -3.95 12.25
CA TYR E 51 -9.27 -2.73 12.04
C TYR E 51 -8.16 -2.99 11.03
N HIS E 52 -8.08 -2.11 10.04
CA HIS E 52 -7.05 -2.18 9.03
C HIS E 52 -6.27 -0.88 9.11
N PRO E 53 -4.94 -0.91 9.17
CA PRO E 53 -4.19 0.30 9.54
C PRO E 53 -4.32 1.42 8.54
N GLN E 54 -4.76 1.11 7.32
CA GLN E 54 -5.13 2.13 6.34
C GLN E 54 -6.62 2.33 6.23
N TYR E 55 -7.36 1.25 6.04
CA TYR E 55 -8.78 1.35 5.78
C TYR E 55 -9.60 1.70 7.02
N GLY E 56 -9.05 1.52 8.22
CA GLY E 56 -9.77 1.89 9.43
C GLY E 56 -10.73 0.81 9.90
N LEU E 57 -11.67 1.22 10.75
CA LEU E 57 -12.60 0.28 11.36
C LEU E 57 -13.64 -0.20 10.36
N TYR E 58 -14.03 -1.47 10.51
CA TYR E 58 -15.16 -2.00 9.75
C TYR E 58 -15.89 -2.95 10.68
N CYS E 59 -17.19 -2.70 10.89
CA CYS E 59 -17.92 -3.43 11.90
C CYS E 59 -18.59 -4.63 11.26
N GLY E 60 -18.85 -5.63 12.08
CA GLY E 60 -19.67 -6.73 11.62
C GLY E 60 -21.13 -6.33 11.68
N GLN E 61 -21.93 -6.95 10.81
CA GLN E 61 -23.38 -6.84 10.84
C GLN E 61 -23.90 -6.60 12.26
N GLU E 62 -24.79 -5.63 12.40
CA GLU E 62 -25.54 -5.29 13.62
C GLU E 62 -24.69 -4.62 14.70
N HIS E 63 -23.40 -4.40 14.47
CA HIS E 63 -22.57 -3.79 15.51
C HIS E 63 -22.42 -2.30 15.27
N ALA E 64 -22.36 -1.55 16.37
CA ALA E 64 -21.86 -0.19 16.39
C ALA E 64 -20.49 -0.21 17.05
N CYS E 65 -19.54 -0.81 16.35
CA CYS E 65 -18.32 -1.21 17.02
C CYS E 65 -17.42 -0.03 17.36
N GLU E 66 -17.65 1.14 16.77
CA GLU E 66 -16.78 2.27 17.01
C GLU E 66 -16.74 2.67 18.47
N SER E 67 -17.72 2.23 19.25
CA SER E 67 -17.75 2.46 20.68
C SER E 67 -17.34 1.21 21.47
N GLN E 68 -17.02 0.13 20.79
CA GLN E 68 -16.74 -1.13 21.46
C GLN E 68 -15.29 -1.58 21.34
N VAL E 69 -14.52 -1.01 20.42
CA VAL E 69 -13.13 -1.41 20.21
C VAL E 69 -12.24 -0.18 20.08
N ALA E 70 -10.95 -0.41 20.27
CA ALA E 70 -9.99 0.68 20.24
C ALA E 70 -8.62 0.09 19.97
N ALA E 71 -7.88 0.73 19.07
CA ALA E 71 -6.50 0.41 18.79
C ALA E 71 -5.65 1.59 19.17
N THR E 72 -4.59 1.36 19.94
CA THR E 72 -3.71 2.43 20.40
C THR E 72 -2.27 1.92 20.40
N GLU E 73 -1.37 2.75 19.89
CA GLU E 73 0.04 2.41 19.79
C GLU E 73 0.79 2.89 21.02
N THR E 74 1.90 2.23 21.32
CA THR E 74 2.73 2.63 22.45
C THR E 74 4.14 2.88 21.98
N GLU E 75 5.11 2.46 22.80
CA GLU E 75 6.51 2.78 22.59
C GLU E 75 7.09 2.11 21.34
N LYS E 76 7.36 0.81 21.44
CA LYS E 76 8.23 0.16 20.47
C LYS E 76 7.44 -0.47 19.31
N GLY E 77 6.69 0.39 18.64
CA GLY E 77 5.90 -0.01 17.51
C GLY E 77 4.77 -0.94 17.84
N VAL E 78 4.61 -1.29 19.11
CA VAL E 78 3.60 -2.26 19.52
C VAL E 78 2.23 -1.58 19.53
N THR E 79 1.20 -2.31 19.11
CA THR E 79 -0.16 -1.80 19.12
C THR E 79 -1.01 -2.60 20.11
N ASN E 80 -1.85 -1.90 20.85
CA ASN E 80 -2.82 -2.49 21.77
C ASN E 80 -4.17 -2.53 21.07
N TRP E 81 -4.95 -3.56 21.37
CA TRP E 81 -6.22 -3.81 20.69
C TRP E 81 -7.19 -4.23 21.79
N THR E 82 -8.22 -3.42 22.03
CA THR E 82 -9.08 -3.55 23.19
C THR E 82 -10.55 -3.69 22.80
N LEU E 83 -11.27 -4.54 23.54
CA LEU E 83 -12.71 -4.76 23.35
C LEU E 83 -13.39 -4.34 24.63
N TYR E 84 -14.34 -3.42 24.53
CA TYR E 84 -15.05 -2.90 25.70
C TYR E 84 -16.36 -3.65 25.86
N LEU E 85 -16.46 -4.45 26.92
CA LEU E 85 -17.71 -5.10 27.33
C LEU E 85 -18.30 -4.27 28.46
N ARG E 86 -19.55 -3.88 28.32
CA ARG E 86 -20.25 -2.98 29.24
C ARG E 86 -21.51 -3.64 29.78
N ASN E 87 -21.77 -3.47 31.09
CA ASN E 87 -23.00 -3.92 31.74
C ASN E 87 -23.28 -5.39 31.43
N ILE E 88 -22.37 -6.22 31.94
CA ILE E 88 -22.28 -7.62 31.55
C ILE E 88 -23.47 -8.38 32.11
N SER E 89 -24.20 -9.06 31.24
CA SER E 89 -25.17 -10.09 31.56
C SER E 89 -24.62 -11.45 31.17
N SER E 90 -25.35 -12.50 31.55
CA SER E 90 -24.97 -13.85 31.16
C SER E 90 -24.92 -14.06 29.66
N ALA E 91 -25.64 -13.24 28.88
CA ALA E 91 -25.67 -13.43 27.44
C ALA E 91 -24.33 -13.11 26.79
N LEU E 92 -23.59 -12.17 27.37
CA LEU E 92 -22.28 -11.78 26.84
C LEU E 92 -21.19 -12.81 27.12
N GLY E 93 -21.44 -13.81 27.98
CA GLY E 93 -20.43 -14.80 28.26
C GLY E 93 -20.15 -15.67 27.07
N GLY E 94 -19.01 -16.35 27.11
CA GLY E 94 -18.55 -17.15 26.01
C GLY E 94 -17.14 -16.78 25.67
N LYS E 95 -16.68 -17.24 24.52
CA LYS E 95 -15.30 -17.06 24.11
C LYS E 95 -15.16 -15.87 23.17
N TYR E 96 -14.22 -14.98 23.48
CA TYR E 96 -13.90 -13.86 22.62
C TYR E 96 -12.49 -14.06 22.04
N GLU E 97 -12.34 -13.82 20.75
CA GLU E 97 -11.10 -14.18 20.07
C GLU E 97 -10.52 -12.92 19.45
N CYS E 98 -9.28 -12.63 19.80
CA CYS E 98 -8.53 -11.54 19.21
C CYS E 98 -7.52 -12.13 18.25
N ILE E 99 -7.53 -11.65 17.01
CA ILE E 99 -6.74 -12.26 15.94
C ILE E 99 -5.92 -11.17 15.28
N PHE E 100 -4.62 -11.18 15.51
CA PHE E 100 -3.73 -10.26 14.81
C PHE E 100 -3.24 -10.94 13.57
N THR E 101 -3.23 -10.23 12.46
CA THR E 101 -2.49 -10.65 11.28
C THR E 101 -1.21 -9.81 11.21
N LEU E 102 -0.05 -10.45 11.41
CA LEU E 102 1.22 -9.76 11.50
C LEU E 102 2.15 -10.21 10.37
N TYR E 103 3.16 -9.37 10.11
CA TYR E 103 4.23 -9.71 9.19
C TYR E 103 5.58 -9.45 9.87
N PRO E 104 6.51 -10.40 9.82
CA PRO E 104 6.51 -11.63 9.06
C PRO E 104 6.00 -12.86 9.83
N GLU E 105 5.40 -12.67 11.00
CA GLU E 105 5.10 -13.84 11.81
C GLU E 105 3.71 -14.41 11.61
N GLY E 106 2.85 -13.74 10.85
CA GLY E 106 1.55 -14.30 10.50
C GLY E 106 0.48 -14.09 11.55
N ILE E 107 -0.41 -15.07 11.73
CA ILE E 107 -1.54 -14.96 12.65
C ILE E 107 -1.06 -15.13 14.08
N LYS E 108 -1.56 -14.31 15.01
CA LYS E 108 -1.40 -14.53 16.46
C LYS E 108 -2.74 -14.31 17.16
N THR E 109 -3.14 -15.27 17.99
CA THR E 109 -4.48 -15.34 18.54
C THR E 109 -4.49 -15.37 20.06
N THR E 110 -5.42 -14.63 20.65
CA THR E 110 -5.67 -14.60 22.08
C THR E 110 -7.14 -14.88 22.32
N VAL E 111 -7.44 -15.88 23.14
CA VAL E 111 -8.83 -16.24 23.42
C VAL E 111 -9.11 -15.91 24.88
N TYR E 112 -10.21 -15.21 25.12
CA TYR E 112 -10.68 -14.91 26.45
C TYR E 112 -12.00 -15.62 26.59
N ASN E 113 -12.15 -16.37 27.66
CA ASN E 113 -13.36 -17.10 27.94
C ASN E 113 -14.09 -16.34 29.04
N LEU E 114 -15.10 -15.58 28.69
CA LEU E 114 -15.80 -14.79 29.69
C LEU E 114 -16.83 -15.65 30.44
N ILE E 115 -16.62 -15.77 31.75
CA ILE E 115 -17.48 -16.52 32.66
C ILE E 115 -18.20 -15.53 33.56
N VAL E 116 -19.54 -15.62 33.61
CA VAL E 116 -20.36 -14.67 34.37
C VAL E 116 -21.00 -15.40 35.54
N GLU E 117 -20.68 -14.98 36.77
CA GLU E 117 -21.25 -15.68 37.94
C GLU E 117 -22.51 -15.04 38.53
N GLU F 4 -13.31 -21.50 17.32
CA GLU F 4 -14.55 -22.00 16.71
C GLU F 4 -14.27 -23.14 15.77
N GLU F 5 -13.02 -23.25 15.33
CA GLU F 5 -12.67 -24.37 14.46
C GLU F 5 -12.38 -25.63 15.26
N LEU F 6 -12.08 -25.52 16.55
CA LEU F 6 -11.79 -26.69 17.37
C LEU F 6 -13.09 -27.26 17.95
N PHE F 7 -13.97 -27.64 17.02
CA PHE F 7 -15.18 -28.41 17.29
C PHE F 7 -15.33 -29.50 16.23
N ASN F 8 -14.95 -29.17 14.99
CA ASN F 8 -14.92 -30.07 13.84
C ASN F 8 -14.50 -29.31 12.59
N VAL F 9 -15.49 -28.66 11.95
CA VAL F 9 -15.39 -27.74 10.81
C VAL F 9 -14.63 -28.31 9.60
N GLY F 10 -13.48 -28.94 9.81
CA GLY F 10 -12.60 -29.23 8.70
C GLY F 10 -12.90 -30.56 8.05
N ASP F 11 -12.06 -30.90 7.08
CA ASP F 11 -12.27 -32.07 6.24
C ASP F 11 -11.19 -33.08 6.54
N ASP F 12 -11.59 -34.33 6.68
CA ASP F 12 -10.62 -35.38 6.94
C ASP F 12 -10.01 -35.82 5.62
N VAL F 13 -8.71 -36.11 5.65
CA VAL F 13 -7.95 -36.45 4.46
C VAL F 13 -7.11 -37.66 4.85
N TYR F 14 -7.42 -38.82 4.30
CA TYR F 14 -6.69 -40.02 4.68
C TYR F 14 -5.57 -40.28 3.67
N ALA F 15 -4.47 -40.82 4.17
CA ALA F 15 -3.38 -41.13 3.30
C ALA F 15 -2.60 -42.28 3.90
N LEU F 16 -2.08 -43.13 3.03
CA LEU F 16 -1.09 -44.12 3.42
C LEU F 16 0.30 -43.50 3.31
N PRO F 17 1.28 -44.02 4.04
CA PRO F 17 2.64 -43.48 3.90
C PRO F 17 3.08 -43.56 2.45
N GLY F 18 3.93 -42.60 2.05
CA GLY F 18 4.36 -42.47 0.68
C GLY F 18 3.47 -41.61 -0.19
N SER F 19 2.24 -41.32 0.24
CA SER F 19 1.32 -40.59 -0.60
C SER F 19 1.79 -39.17 -0.90
N ASP F 20 1.30 -38.66 -2.04
CA ASP F 20 1.49 -37.29 -2.47
C ASP F 20 0.12 -36.65 -2.56
N ILE F 21 -0.05 -35.48 -1.95
CA ILE F 21 -1.37 -34.85 -1.78
C ILE F 21 -1.24 -33.35 -1.93
N ASN F 22 -2.17 -32.71 -2.65
CA ASN F 22 -2.26 -31.25 -2.76
C ASN F 22 -3.48 -30.77 -2.00
N LEU F 23 -3.27 -29.81 -1.10
CA LEU F 23 -4.36 -29.10 -0.45
C LEU F 23 -4.52 -27.72 -1.07
N THR F 24 -5.74 -27.37 -1.47
CA THR F 24 -6.01 -26.08 -2.08
C THR F 24 -7.20 -25.39 -1.42
N CYS F 25 -7.02 -24.11 -1.18
CA CYS F 25 -7.85 -23.22 -0.39
C CYS F 25 -8.24 -22.06 -1.30
N GLN F 26 -9.39 -21.44 -1.07
CA GLN F 26 -9.83 -20.43 -2.04
C GLN F 26 -10.45 -19.24 -1.34
N THR F 27 -10.02 -18.06 -1.76
CA THR F 27 -10.38 -16.79 -1.14
C THR F 27 -11.86 -16.49 -1.35
N LYS F 28 -12.47 -15.79 -0.39
CA LYS F 28 -13.87 -15.40 -0.58
C LYS F 28 -14.00 -14.34 -1.67
N GLU F 29 -15.09 -14.40 -2.44
CA GLU F 29 -15.26 -13.45 -3.52
C GLU F 29 -15.52 -12.05 -2.99
N LYS F 30 -15.02 -11.05 -3.72
CA LYS F 30 -15.28 -9.63 -3.51
C LYS F 30 -14.61 -9.08 -2.25
N ASN F 31 -13.58 -9.76 -1.76
CA ASN F 31 -12.77 -9.25 -0.66
C ASN F 31 -11.39 -8.87 -1.16
N PHE F 32 -10.79 -7.85 -0.54
CA PHE F 32 -9.38 -7.59 -0.75
C PHE F 32 -8.55 -8.66 -0.02
N LEU F 33 -7.63 -9.29 -0.73
CA LEU F 33 -6.73 -10.23 -0.07
C LEU F 33 -5.68 -9.42 0.68
N VAL F 34 -5.61 -9.58 2.00
CA VAL F 34 -4.68 -8.82 2.82
C VAL F 34 -3.41 -9.62 3.14
N GLN F 35 -3.55 -10.91 3.44
CA GLN F 35 -2.39 -11.77 3.65
C GLN F 35 -2.92 -13.20 3.68
N MET F 36 -2.03 -14.17 3.51
CA MET F 36 -2.51 -15.53 3.74
C MET F 36 -1.37 -16.41 4.22
N GLN F 37 -1.73 -17.56 4.80
CA GLN F 37 -0.70 -18.42 5.37
C GLN F 37 -1.19 -19.86 5.47
N TRP F 38 -0.24 -20.79 5.60
CA TRP F 38 -0.48 -22.19 5.90
C TRP F 38 0.21 -22.50 7.22
N SER F 39 -0.45 -23.28 8.07
CA SER F 39 0.05 -23.64 9.39
C SER F 39 -0.20 -25.12 9.67
N LYS F 40 0.70 -25.73 10.43
CA LYS F 40 0.48 -27.02 11.07
C LYS F 40 0.07 -26.77 12.52
N VAL F 41 -1.09 -27.28 12.91
CA VAL F 41 -1.69 -26.96 14.21
C VAL F 41 -1.51 -28.13 15.14
N THR F 42 -0.76 -27.91 16.23
CA THR F 42 -0.63 -28.91 17.27
C THR F 42 -1.21 -28.27 18.52
N ASP F 43 -0.45 -28.17 19.62
CA ASP F 43 -0.91 -27.33 20.72
C ASP F 43 -0.62 -25.87 20.43
N LYS F 44 0.40 -25.62 19.60
CA LYS F 44 0.76 -24.29 19.14
C LYS F 44 0.58 -24.24 17.62
N ASN F 45 0.35 -23.04 17.10
CA ASN F 45 0.20 -22.83 15.66
C ASN F 45 1.56 -22.52 15.00
N ASP F 46 2.09 -23.47 14.24
CA ASP F 46 3.41 -23.37 13.63
C ASP F 46 3.26 -23.02 12.16
N MET F 47 3.70 -21.83 11.78
CA MET F 47 3.52 -21.36 10.42
C MET F 47 4.44 -22.08 9.47
N ILE F 48 3.89 -22.48 8.31
CA ILE F 48 4.66 -23.12 7.24
C ILE F 48 5.12 -22.08 6.23
N ALA F 49 4.19 -21.32 5.68
CA ALA F 49 4.54 -20.28 4.73
C ALA F 49 3.48 -19.20 4.80
N LEU F 50 3.87 -18.00 4.40
CA LEU F 50 3.04 -16.81 4.45
C LEU F 50 3.23 -16.08 3.14
N TYR F 51 2.14 -15.57 2.58
CA TYR F 51 2.21 -14.72 1.41
C TYR F 51 1.48 -13.43 1.72
N HIS F 52 2.16 -12.31 1.44
CA HIS F 52 1.65 -10.96 1.57
C HIS F 52 1.61 -10.33 0.19
N PRO F 53 0.51 -9.72 -0.23
CA PRO F 53 0.39 -9.36 -1.64
C PRO F 53 1.38 -8.29 -2.09
N GLN F 54 2.03 -7.59 -1.17
CA GLN F 54 3.13 -6.71 -1.57
C GLN F 54 4.51 -7.28 -1.24
N TYR F 55 4.72 -7.70 0.01
CA TYR F 55 6.04 -8.16 0.45
C TYR F 55 6.38 -9.54 -0.06
N GLY F 56 5.41 -10.30 -0.57
CA GLY F 56 5.73 -11.62 -1.10
C GLY F 56 5.80 -12.75 -0.08
N LEU F 57 6.50 -13.79 -0.50
CA LEU F 57 6.59 -15.02 0.27
C LEU F 57 7.50 -14.85 1.48
N TYR F 58 7.16 -15.51 2.58
CA TYR F 58 8.03 -15.56 3.74
C TYR F 58 7.88 -16.91 4.41
N CYS F 59 8.97 -17.62 4.64
CA CYS F 59 8.84 -18.99 5.15
C CYS F 59 9.01 -19.12 6.66
N GLY F 60 8.37 -20.14 7.21
CA GLY F 60 8.45 -20.51 8.60
C GLY F 60 9.55 -21.49 8.97
N GLN F 61 10.68 -20.98 9.43
CA GLN F 61 11.72 -21.76 10.07
C GLN F 61 12.44 -22.73 9.14
N GLU F 62 13.55 -22.27 8.55
CA GLU F 62 14.54 -23.05 7.81
C GLU F 62 14.04 -23.62 6.49
N HIS F 63 12.80 -23.31 6.08
CA HIS F 63 12.18 -24.02 4.96
C HIS F 63 12.74 -23.61 3.61
N ALA F 64 12.67 -24.56 2.69
CA ALA F 64 12.64 -24.26 1.26
C ALA F 64 11.19 -24.48 0.79
N CYS F 65 10.35 -23.62 1.34
CA CYS F 65 8.89 -23.65 1.26
C CYS F 65 8.37 -23.16 -0.06
N GLU F 66 9.19 -22.46 -0.85
CA GLU F 66 8.75 -22.00 -2.17
C GLU F 66 8.42 -23.16 -3.09
N SER F 67 8.86 -24.36 -2.73
CA SER F 67 8.53 -25.57 -3.47
C SER F 67 7.34 -26.31 -2.86
N GLN F 68 6.77 -25.78 -1.78
CA GLN F 68 5.67 -26.40 -1.08
C GLN F 68 4.36 -25.64 -1.17
N VAL F 69 4.38 -24.39 -1.63
CA VAL F 69 3.17 -23.59 -1.72
C VAL F 69 3.14 -22.86 -3.05
N ALA F 70 1.96 -22.35 -3.38
CA ALA F 70 1.74 -21.63 -4.63
C ALA F 70 0.44 -20.85 -4.51
N ALA F 71 0.46 -19.60 -4.96
CA ALA F 71 -0.71 -18.76 -4.98
C ALA F 71 -1.04 -18.43 -6.43
N THR F 72 -2.32 -18.47 -6.77
CA THR F 72 -2.73 -18.21 -8.13
C THR F 72 -4.05 -17.46 -8.16
N GLU F 73 -4.13 -16.44 -9.02
CA GLU F 73 -5.36 -15.68 -9.21
C GLU F 73 -6.17 -16.30 -10.36
N THR F 74 -7.48 -16.17 -10.28
CA THR F 74 -8.34 -16.68 -11.34
C THR F 74 -9.27 -15.60 -11.86
N GLU F 75 -10.53 -15.97 -12.15
CA GLU F 75 -11.48 -15.12 -12.84
C GLU F 75 -11.90 -13.91 -12.01
N LYS F 76 -12.80 -14.12 -11.07
CA LYS F 76 -13.50 -13.02 -10.41
C LYS F 76 -12.78 -12.64 -9.10
N GLY F 77 -11.50 -12.26 -9.27
CA GLY F 77 -10.64 -11.81 -8.20
C GLY F 77 -10.28 -12.86 -7.17
N VAL F 78 -10.76 -14.09 -7.35
CA VAL F 78 -10.57 -15.18 -6.40
C VAL F 78 -9.14 -15.69 -6.49
N THR F 79 -8.54 -15.98 -5.34
CA THR F 79 -7.17 -16.46 -5.26
C THR F 79 -7.12 -17.89 -4.74
N ASN F 80 -6.30 -18.71 -5.35
CA ASN F 80 -6.09 -20.08 -4.90
C ASN F 80 -4.76 -20.15 -4.15
N TRP F 81 -4.70 -20.97 -3.12
CA TRP F 81 -3.58 -21.04 -2.21
C TRP F 81 -3.38 -22.50 -1.90
N THR F 82 -2.28 -23.08 -2.35
CA THR F 82 -2.18 -24.53 -2.26
C THR F 82 -0.89 -24.99 -1.59
N LEU F 83 -0.97 -26.12 -0.91
CA LEU F 83 0.13 -26.69 -0.16
C LEU F 83 0.45 -28.07 -0.71
N TYR F 84 1.69 -28.28 -1.14
CA TYR F 84 2.12 -29.54 -1.72
C TYR F 84 2.71 -30.42 -0.64
N LEU F 85 2.01 -31.49 -0.30
CA LEU F 85 2.56 -32.51 0.58
C LEU F 85 3.05 -33.68 -0.25
N ARG F 86 4.30 -34.09 0.00
CA ARG F 86 5.00 -35.11 -0.75
C ARG F 86 5.53 -36.17 0.20
N ASN F 87 5.41 -37.43 -0.20
CA ASN F 87 6.00 -38.57 0.53
C ASN F 87 5.60 -38.54 2.00
N ILE F 88 4.30 -38.69 2.20
CA ILE F 88 3.70 -38.40 3.50
C ILE F 88 4.11 -39.46 4.51
N SER F 89 4.76 -39.03 5.57
CA SER F 89 4.96 -39.88 6.74
C SER F 89 3.96 -39.52 7.84
N SER F 90 3.91 -40.35 8.88
CA SER F 90 3.05 -40.05 10.02
C SER F 90 3.43 -38.73 10.69
N ALA F 91 4.65 -38.26 10.49
CA ALA F 91 5.04 -36.95 11.02
C ALA F 91 4.34 -35.83 10.25
N LEU F 92 4.14 -35.99 8.95
CA LEU F 92 3.36 -34.96 8.25
C LEU F 92 1.88 -35.03 8.60
N GLY F 93 1.42 -36.10 9.25
CA GLY F 93 0.02 -36.14 9.62
C GLY F 93 -0.31 -35.10 10.66
N GLY F 94 -1.60 -34.81 10.79
CA GLY F 94 -2.00 -33.79 11.72
C GLY F 94 -2.90 -32.78 11.06
N LYS F 95 -3.07 -31.65 11.76
CA LYS F 95 -4.03 -30.62 11.38
C LYS F 95 -3.30 -29.55 10.59
N TYR F 96 -3.77 -29.27 9.38
CA TYR F 96 -3.27 -28.17 8.56
C TYR F 96 -4.33 -27.10 8.46
N GLU F 97 -3.91 -25.85 8.53
CA GLU F 97 -4.86 -24.75 8.57
C GLU F 97 -4.45 -23.73 7.53
N CYS F 98 -5.35 -23.40 6.64
CA CYS F 98 -5.16 -22.30 5.70
C CYS F 98 -5.99 -21.13 6.20
N ILE F 99 -5.34 -19.99 6.37
CA ILE F 99 -5.91 -18.84 7.04
C ILE F 99 -5.74 -17.67 6.10
N PHE F 100 -6.85 -17.20 5.53
CA PHE F 100 -6.87 -15.98 4.75
C PHE F 100 -7.22 -14.82 5.65
N THR F 101 -6.51 -13.72 5.55
CA THR F 101 -7.05 -12.51 6.16
C THR F 101 -7.52 -11.58 5.04
N LEU F 102 -8.82 -11.31 5.04
CA LEU F 102 -9.54 -10.60 3.98
C LEU F 102 -10.11 -9.30 4.51
N TYR F 103 -10.39 -8.39 3.59
CA TYR F 103 -11.11 -7.16 3.91
C TYR F 103 -12.25 -7.02 2.91
N PRO F 104 -13.49 -6.80 3.37
CA PRO F 104 -13.91 -6.48 4.74
C PRO F 104 -14.32 -7.68 5.60
N GLU F 105 -14.06 -8.91 5.21
CA GLU F 105 -14.65 -9.99 5.98
C GLU F 105 -13.74 -10.57 7.05
N GLY F 106 -12.47 -10.17 7.08
CA GLY F 106 -11.62 -10.63 8.17
C GLY F 106 -11.06 -12.00 7.89
N ILE F 107 -10.93 -12.80 8.91
CA ILE F 107 -10.31 -14.11 8.84
C ILE F 107 -11.26 -15.11 8.20
N LYS F 108 -10.73 -15.95 7.32
CA LYS F 108 -11.43 -17.12 6.81
C LYS F 108 -10.46 -18.29 6.86
N THR F 109 -10.82 -19.39 7.53
CA THR F 109 -9.88 -20.49 7.71
C THR F 109 -10.49 -21.78 7.22
N THR F 110 -9.65 -22.64 6.66
CA THR F 110 -10.03 -23.97 6.22
C THR F 110 -9.11 -24.96 6.90
N VAL F 111 -9.67 -25.99 7.49
CA VAL F 111 -8.90 -27.00 8.22
C VAL F 111 -8.94 -28.32 7.47
N TYR F 112 -7.77 -28.96 7.37
CA TYR F 112 -7.63 -30.30 6.83
C TYR F 112 -6.98 -31.19 7.88
N ASN F 113 -7.60 -32.35 8.16
CA ASN F 113 -7.02 -33.33 9.07
C ASN F 113 -6.40 -34.43 8.22
N LEU F 114 -5.10 -34.38 8.06
CA LEU F 114 -4.40 -35.42 7.32
C LEU F 114 -4.27 -36.61 8.26
N ILE F 115 -4.87 -37.73 7.91
CA ILE F 115 -4.82 -38.95 8.71
C ILE F 115 -3.93 -39.96 7.98
N VAL F 116 -2.88 -40.43 8.65
CA VAL F 116 -1.90 -41.35 8.06
C VAL F 116 -1.99 -42.68 8.80
N GLU F 117 -2.27 -43.76 8.06
CA GLU F 117 -2.43 -45.10 8.64
C GLU F 117 -1.13 -45.70 9.15
#